data_7ZWI
#
_entry.id   7ZWI
#
_cell.length_a   78.659
_cell.length_b   87.104
_cell.length_c   110.620
_cell.angle_alpha   90.000
_cell.angle_beta   99.540
_cell.angle_gamma   90.000
#
_symmetry.space_group_name_H-M   'P 1 21 1'
#
loop_
_entity.id
_entity.type
_entity.pdbx_description
1 polymer 'Gametocyte surface protein P45/48'
2 polymer '32F3 heavy chain'
3 polymer '32F3 light chain'
4 branched 2-acetamido-2-deoxy-beta-D-glucopyranose-(1-4)-[alpha-L-fucopyranose-(1-6)]2-acetamido-2-deoxy-beta-D-glucopyranose
5 water water
#
loop_
_entity_poly.entity_id
_entity_poly.type
_entity_poly.pdbx_seq_one_letter_code
_entity_poly.pdbx_strand_id
1 'polypeptide(L)'
;MMLYISAKKAQVAFILYIVLVLRIISGNNDFCKPSSLNSEISGFIGYKCNFSNEGVHNLKPDMRERRSIFCTIHSYFIYD
KIRLIIPKKSSSPEFKILPEKCFQKVYTDYENRVETDISELGLIEYEIEENDTNPNYNERTITISPFSPKDIEFFCFCDN
TEKVISSIEGRSAMVHVRVLKYPHNILFTNLTNDLFTYLPKTYNESNFVSNVLEVELNDGELFVLACELINKKCFQEGKE
KALYKSNKIIYHKNLTIFKAPFYVTSKDVNTECTCKFKNNNYKIVLKPKYEKKVIHGCNFSSNVSSKHTFTDSLDISLVD
DSAHISCNVHLSEPKYNHLVGLNCPGDIIPDCFFQVYQPESEELEPSNIVYLDSQINIGDIEYYEDAEGDDKIKLFGIVG
SIPKTTSFTCICKKDKKSAYMTVTIDSAP
;
A,D
2 'polypeptide(L)'
;DVKLVESGGGLVKLGGSLKLSCAASGFTFSSYYMSWVRQTPEKRLELVAAINNNGGSTYYPDTVKGRFTISRDNAKNTLN
LQMNSLKSEDTALYYCTRQHYGNLYFFDYWGQGTTLTVSSAKTTPPSVYPLAPGSAAQTNSMVTLGCLVKGYFPEPVTVT
WNSGSLSSGVHTFPAVLESDLYTLSSSVTVPSSPWPSETVTCNVAHPASSTKVDKKIVPRDCGCKPCICTVPEVSSVFIF
PPKPKDVLTITLTPKVTCVVVDISKDDPEVQFSWFVDDVEVHTAQTQPREEQFNSTFRSVSELPIMHQDWLNGKEFKCRV
NSAAFPAPIEKTISKTKGRPKAPQVYTIPPPKEQMAKDKVSLTCMITDFFPEDITVEWQWNGQPAENYKNTQPIMNTNGS
YFVYSKLNVQKSNWEAGNTFTCSVLHEGLHNHHTEKSLSHSPGK
;
B,E
3 'polypeptide(L)'
;QIVLSQSPAILSASPGEKVTMTCRASSSVTYIHWYQQKPGSSPKPWIQATSSLASGVPARFSGSGSGTSYSLSISRVEAE
DAATYYCQQWSSNPLTFGAGTKLELKRADAAPTVSIFPPSSEQLTSGGASVVCFLNNFYPKDINVKWKIDGSERQNGVLN
SWTDQDSKDSTYSMSSTLTLTKDEYERHNSYTCEATHKTSTSPIVKSFNRNEC
;
C,F
#
loop_
_chem_comp.id
_chem_comp.type
_chem_comp.name
_chem_comp.formula
FUC L-saccharide, alpha linking alpha-L-fucopyranose 'C6 H12 O5'
NAG D-saccharide, beta linking 2-acetamido-2-deoxy-beta-D-glucopyranose 'C8 H15 N O6'
#
# COMPACT_ATOMS: atom_id res chain seq x y z
N LYS A 293 50.69 26.87 -61.74
CA LYS A 293 49.52 26.06 -62.06
C LYS A 293 48.38 26.22 -61.02
N VAL A 294 47.15 26.44 -61.47
CA VAL A 294 46.02 26.58 -60.56
C VAL A 294 45.54 25.19 -60.07
N ILE A 295 45.05 25.13 -58.84
CA ILE A 295 44.50 23.90 -58.30
C ILE A 295 42.99 23.98 -58.41
N HIS A 296 42.39 23.03 -59.13
CA HIS A 296 40.93 22.98 -59.25
C HIS A 296 40.45 22.31 -57.97
N GLY A 297 39.92 23.11 -57.08
CA GLY A 297 39.49 22.63 -55.78
C GLY A 297 39.21 23.73 -54.81
N CYS A 298 39.11 23.36 -53.53
CA CYS A 298 38.66 24.30 -52.53
C CYS A 298 39.68 24.67 -51.49
N ASN A 299 39.85 25.97 -51.26
CA ASN A 299 40.68 26.45 -50.19
C ASN A 299 39.72 26.75 -49.02
N PHE A 300 39.79 25.94 -47.97
CA PHE A 300 38.98 26.15 -46.76
C PHE A 300 39.69 26.97 -45.69
N SER A 301 40.93 27.35 -45.92
CA SER A 301 41.71 28.12 -44.98
C SER A 301 41.50 29.65 -45.16
N SER A 302 41.92 30.44 -44.18
CA SER A 302 41.73 31.89 -44.25
C SER A 302 43.03 32.63 -44.64
N ASN A 303 44.11 31.90 -45.06
CA ASN A 303 45.43 32.47 -45.36
C ASN A 303 45.69 32.97 -46.80
N VAL A 304 46.31 34.18 -46.96
CA VAL A 304 46.58 34.72 -48.31
C VAL A 304 48.04 34.65 -48.73
N SER A 305 49.00 34.43 -47.82
CA SER A 305 50.41 34.35 -48.23
C SER A 305 50.84 32.92 -48.59
N SER A 306 49.89 32.12 -49.10
CA SER A 306 50.10 30.75 -49.55
C SER A 306 50.82 30.68 -50.91
N LYS A 307 51.51 29.55 -51.21
CA LYS A 307 52.13 29.29 -52.51
C LYS A 307 51.20 28.48 -53.47
N HIS A 308 50.01 28.10 -53.00
CA HIS A 308 49.03 27.34 -53.79
C HIS A 308 47.83 28.23 -54.10
N THR A 309 47.35 28.23 -55.36
CA THR A 309 46.17 29.01 -55.74
C THR A 309 45.06 28.04 -56.09
N PHE A 310 43.88 28.23 -55.52
CA PHE A 310 42.70 27.37 -55.71
C PHE A 310 41.65 28.08 -56.53
N THR A 311 40.93 27.34 -57.38
CA THR A 311 39.86 27.94 -58.18
C THR A 311 38.68 28.39 -57.33
N ASP A 312 38.44 27.71 -56.18
CA ASP A 312 37.30 27.98 -55.32
C ASP A 312 37.74 28.11 -53.86
N SER A 313 36.93 28.78 -53.06
CA SER A 313 37.24 28.93 -51.64
C SER A 313 35.97 29.03 -50.79
N LEU A 314 36.06 28.54 -49.55
CA LEU A 314 34.97 28.62 -48.60
C LEU A 314 35.65 28.67 -47.24
N ASP A 315 35.64 29.83 -46.58
CA ASP A 315 36.35 29.98 -45.32
C ASP A 315 35.63 29.23 -44.20
N ILE A 316 36.16 28.07 -43.82
CA ILE A 316 35.53 27.20 -42.82
C ILE A 316 35.40 27.85 -41.46
N SER A 317 36.32 28.77 -41.12
CA SER A 317 36.25 29.49 -39.85
C SER A 317 34.97 30.35 -39.74
N LEU A 318 34.30 30.65 -40.89
CA LEU A 318 33.06 31.44 -40.91
C LEU A 318 31.77 30.61 -41.03
N VAL A 319 31.88 29.29 -41.19
CA VAL A 319 30.73 28.35 -41.20
C VAL A 319 30.22 28.25 -39.71
N ASP A 320 28.91 28.08 -39.49
CA ASP A 320 28.40 27.90 -38.13
C ASP A 320 28.94 26.64 -37.47
N ASP A 321 29.00 26.63 -36.14
CA ASP A 321 29.33 25.40 -35.39
C ASP A 321 28.20 24.38 -35.68
N SER A 322 28.57 23.11 -35.86
CA SER A 322 27.66 21.99 -36.15
C SER A 322 27.10 22.00 -37.58
N ALA A 323 27.57 22.90 -38.45
CA ALA A 323 27.12 22.95 -39.86
C ALA A 323 28.05 22.15 -40.79
N HIS A 324 27.58 21.80 -41.99
CA HIS A 324 28.30 20.98 -42.97
C HIS A 324 28.00 21.61 -44.31
N ILE A 325 28.89 22.48 -44.78
CA ILE A 325 28.69 23.29 -45.99
C ILE A 325 29.46 22.74 -47.19
N SER A 326 28.83 22.67 -48.38
CA SER A 326 29.52 22.14 -49.56
C SER A 326 30.25 23.22 -50.38
N CYS A 327 31.30 22.81 -51.08
CA CYS A 327 32.07 23.61 -52.04
C CYS A 327 32.17 22.68 -53.25
N ASN A 328 31.53 23.03 -54.33
CA ASN A 328 31.40 22.13 -55.48
C ASN A 328 32.31 22.52 -56.65
N VAL A 329 33.10 21.56 -57.13
CA VAL A 329 34.04 21.75 -58.23
C VAL A 329 33.67 20.81 -59.41
N HIS A 330 33.66 21.33 -60.63
CA HIS A 330 33.30 20.52 -61.80
C HIS A 330 34.32 20.71 -62.91
N LEU A 331 34.99 19.62 -63.31
CA LEU A 331 35.99 19.61 -64.38
C LEU A 331 35.34 19.01 -65.63
N SER A 332 35.49 19.67 -66.78
CA SER A 332 34.88 19.20 -68.01
C SER A 332 35.77 19.48 -69.22
N GLU A 333 36.62 18.54 -69.61
CA GLU A 333 37.52 18.66 -70.74
C GLU A 333 37.65 17.30 -71.46
N PRO A 334 37.93 17.28 -72.78
CA PRO A 334 38.16 15.99 -73.46
C PRO A 334 39.41 15.31 -72.89
N LYS A 335 40.46 16.09 -72.60
CA LYS A 335 41.70 15.60 -72.01
C LYS A 335 42.14 16.56 -70.92
N TYR A 336 42.59 16.01 -69.78
CA TYR A 336 43.04 16.79 -68.64
C TYR A 336 44.56 16.88 -68.55
N ASN A 337 45.05 17.89 -67.85
CA ASN A 337 46.43 18.12 -67.43
C ASN A 337 46.23 19.02 -66.22
N HIS A 338 45.57 18.46 -65.19
CA HIS A 338 45.07 19.26 -64.09
C HIS A 338 45.52 18.81 -62.71
N LEU A 339 45.58 19.77 -61.79
CA LEU A 339 45.80 19.53 -60.37
C LEU A 339 44.43 19.73 -59.71
N VAL A 340 44.03 18.82 -58.83
CA VAL A 340 42.77 18.87 -58.08
C VAL A 340 43.13 18.71 -56.61
N GLY A 341 42.51 19.48 -55.73
CA GLY A 341 42.83 19.37 -54.31
C GLY A 341 42.11 20.26 -53.36
N LEU A 342 42.59 20.29 -52.13
CA LEU A 342 41.98 21.16 -51.11
C LEU A 342 43.02 21.65 -50.14
N ASN A 343 42.69 22.71 -49.41
CA ASN A 343 43.53 23.22 -48.35
C ASN A 343 42.60 23.22 -47.13
N CYS A 344 42.94 22.43 -46.10
CA CYS A 344 42.09 22.31 -44.91
C CYS A 344 42.84 22.71 -43.65
N PRO A 345 42.28 23.62 -42.85
CA PRO A 345 42.95 24.02 -41.62
C PRO A 345 42.74 23.05 -40.43
N GLY A 346 42.11 21.90 -40.64
CA GLY A 346 41.88 20.93 -39.57
C GLY A 346 41.99 19.50 -40.02
N ASP A 347 41.08 18.62 -39.59
CA ASP A 347 41.11 17.21 -39.99
C ASP A 347 40.52 17.01 -41.37
N ILE A 348 41.13 16.14 -42.16
CA ILE A 348 40.65 15.80 -43.48
C ILE A 348 40.15 14.34 -43.43
N ILE A 349 38.96 14.09 -43.96
CA ILE A 349 38.33 12.78 -43.99
C ILE A 349 37.84 12.46 -45.40
N PRO A 350 38.15 11.27 -45.99
CA PRO A 350 39.09 10.25 -45.50
C PRO A 350 40.54 10.69 -45.76
N ASP A 351 41.47 9.75 -46.00
CA ASP A 351 42.85 10.10 -46.29
C ASP A 351 42.96 10.60 -47.74
N CYS A 352 42.43 11.79 -48.04
CA CYS A 352 42.44 12.37 -49.38
C CYS A 352 43.88 12.69 -49.82
N PHE A 353 44.22 12.51 -51.12
CA PHE A 353 43.33 12.00 -52.17
C PHE A 353 43.57 10.56 -52.54
N PHE A 354 44.49 9.85 -51.85
CA PHE A 354 44.66 8.41 -52.10
C PHE A 354 43.33 7.65 -51.87
N GLN A 355 42.58 8.10 -50.86
CA GLN A 355 41.24 7.60 -50.61
C GLN A 355 40.30 8.80 -50.68
N VAL A 356 39.10 8.55 -51.19
CA VAL A 356 38.07 9.57 -51.29
C VAL A 356 36.72 8.95 -50.82
N TYR A 357 35.72 9.79 -50.68
CA TYR A 357 34.40 9.37 -50.24
C TYR A 357 33.47 9.38 -51.46
N GLN A 358 32.69 8.31 -51.63
CA GLN A 358 31.77 8.19 -52.75
C GLN A 358 30.73 9.32 -52.78
N PRO A 359 30.20 9.65 -53.97
CA PRO A 359 29.12 10.66 -54.02
C PRO A 359 27.86 10.18 -53.29
N GLU A 360 27.01 11.13 -52.96
CA GLU A 360 25.74 10.88 -52.30
C GLU A 360 24.79 10.13 -53.20
N SER A 361 24.16 9.08 -52.67
CA SER A 361 23.16 8.34 -53.42
C SER A 361 21.84 9.14 -53.47
N GLU A 362 21.08 9.01 -54.57
CA GLU A 362 19.74 9.59 -54.62
C GLU A 362 18.76 8.72 -53.82
N GLU A 363 19.04 7.42 -53.64
CA GLU A 363 18.25 6.48 -52.84
C GLU A 363 18.81 6.48 -51.39
N LEU A 364 18.12 5.84 -50.44
CA LEU A 364 18.63 5.77 -49.07
C LEU A 364 19.67 4.63 -49.07
N GLU A 365 20.89 4.97 -49.49
CA GLU A 365 21.99 4.03 -49.66
C GLU A 365 23.27 4.66 -49.15
N PRO A 366 24.16 3.84 -48.59
CA PRO A 366 25.40 4.39 -48.06
C PRO A 366 26.39 4.86 -49.13
N SER A 367 27.32 5.72 -48.71
CA SER A 367 28.45 6.17 -49.48
C SER A 367 29.68 5.65 -48.72
N ASN A 368 30.57 4.93 -49.42
CA ASN A 368 31.74 4.35 -48.81
C ASN A 368 33.03 5.12 -49.09
N ILE A 369 34.08 4.80 -48.34
CA ILE A 369 35.40 5.32 -48.58
C ILE A 369 36.02 4.34 -49.59
N VAL A 370 36.55 4.86 -50.70
CA VAL A 370 37.15 4.04 -51.76
C VAL A 370 38.53 4.62 -52.14
N TYR A 371 39.33 3.84 -52.89
CA TYR A 371 40.60 4.33 -53.43
C TYR A 371 40.31 5.20 -54.65
N LEU A 372 40.93 6.39 -54.75
CA LEU A 372 40.73 7.26 -55.92
C LEU A 372 41.12 6.57 -57.23
N ASP A 373 42.20 5.75 -57.21
CA ASP A 373 42.68 5.02 -58.40
C ASP A 373 41.55 4.20 -59.03
N SER A 374 40.77 3.51 -58.21
CA SER A 374 39.66 2.69 -58.72
C SER A 374 38.39 3.53 -59.00
N GLN A 375 38.22 4.66 -58.27
CA GLN A 375 37.06 5.53 -58.45
C GLN A 375 37.08 6.20 -59.83
N ILE A 376 38.19 6.85 -60.20
CA ILE A 376 38.27 7.51 -61.50
C ILE A 376 38.83 6.59 -62.61
N ASN A 377 39.40 5.43 -62.23
CA ASN A 377 39.87 4.36 -63.11
C ASN A 377 40.93 4.81 -64.11
N ILE A 378 42.01 5.41 -63.61
CA ILE A 378 43.21 5.75 -64.37
C ILE A 378 44.41 5.29 -63.51
N GLY A 379 45.43 4.75 -64.15
CA GLY A 379 46.56 4.15 -63.43
C GLY A 379 47.80 4.99 -63.15
N ASP A 380 47.86 6.23 -63.62
CA ASP A 380 49.06 7.05 -63.42
C ASP A 380 48.81 8.34 -62.62
N ILE A 381 47.90 8.29 -61.62
CA ILE A 381 47.63 9.49 -60.81
C ILE A 381 48.85 9.86 -59.97
N GLU A 382 49.18 11.15 -59.90
CA GLU A 382 50.26 11.65 -59.06
C GLU A 382 49.62 12.27 -57.81
N TYR A 383 50.19 12.00 -56.62
CA TYR A 383 49.66 12.55 -55.38
C TYR A 383 50.69 13.49 -54.78
N TYR A 384 50.22 14.55 -54.15
CA TYR A 384 51.07 15.55 -53.53
C TYR A 384 50.47 15.98 -52.20
N GLU A 385 51.34 16.33 -51.24
CA GLU A 385 50.89 16.88 -49.98
C GLU A 385 51.81 18.03 -49.59
N ASP A 386 51.26 19.00 -48.87
CA ASP A 386 52.03 20.13 -48.36
C ASP A 386 51.39 20.62 -47.06
N ALA A 387 52.14 21.42 -46.29
CA ALA A 387 51.62 22.01 -45.07
C ALA A 387 52.14 23.42 -44.90
N GLU A 388 51.27 24.33 -44.50
CA GLU A 388 51.64 25.73 -44.26
C GLU A 388 51.05 26.07 -42.91
N GLY A 389 51.86 25.94 -41.87
CA GLY A 389 51.40 26.15 -40.50
C GLY A 389 50.44 25.05 -40.14
N ASP A 390 49.21 25.41 -39.74
CA ASP A 390 48.19 24.39 -39.44
C ASP A 390 47.40 23.96 -40.68
N ASP A 391 47.62 24.60 -41.85
CA ASP A 391 46.92 24.24 -43.07
C ASP A 391 47.52 23.04 -43.78
N LYS A 392 46.68 22.10 -44.20
CA LYS A 392 47.13 20.91 -44.90
C LYS A 392 46.59 20.92 -46.30
N ILE A 393 47.49 20.83 -47.27
CA ILE A 393 47.15 20.82 -48.69
C ILE A 393 47.33 19.39 -49.21
N LYS A 394 46.27 18.84 -49.84
CA LYS A 394 46.33 17.51 -50.42
C LYS A 394 45.91 17.72 -51.87
N LEU A 395 46.67 17.17 -52.80
CA LEU A 395 46.39 17.34 -54.22
C LEU A 395 46.59 16.00 -54.94
N PHE A 396 46.03 15.91 -56.14
CA PHE A 396 46.32 14.87 -57.10
C PHE A 396 46.41 15.50 -58.49
N GLY A 397 47.18 14.89 -59.36
CA GLY A 397 47.37 15.34 -60.73
C GLY A 397 46.84 14.33 -61.70
N ILE A 398 46.05 14.77 -62.67
CA ILE A 398 45.50 13.87 -63.68
C ILE A 398 45.90 14.35 -65.09
N VAL A 399 46.34 13.42 -65.96
CA VAL A 399 46.73 13.71 -67.34
C VAL A 399 45.98 12.74 -68.28
N GLY A 400 45.31 13.29 -69.29
CA GLY A 400 44.59 12.47 -70.26
C GLY A 400 43.10 12.40 -70.03
N SER A 401 42.44 11.46 -70.71
CA SER A 401 41.00 11.29 -70.59
C SER A 401 40.62 10.38 -69.42
N ILE A 402 39.37 10.43 -69.00
CA ILE A 402 38.85 9.57 -67.93
C ILE A 402 37.77 8.67 -68.59
N PRO A 403 37.79 7.35 -68.33
CA PRO A 403 36.86 6.45 -69.05
C PRO A 403 35.36 6.77 -68.88
N LYS A 404 34.99 7.19 -67.68
CA LYS A 404 33.59 7.46 -67.36
C LYS A 404 33.50 8.65 -66.41
N THR A 405 32.44 9.48 -66.53
CA THR A 405 32.21 10.61 -65.65
C THR A 405 32.07 10.12 -64.21
N THR A 406 32.81 10.75 -63.29
CA THR A 406 32.80 10.30 -61.92
C THR A 406 32.77 11.46 -60.94
N SER A 407 32.28 11.17 -59.74
CA SER A 407 32.20 12.14 -58.67
C SER A 407 32.77 11.54 -57.40
N PHE A 408 33.20 12.39 -56.47
CA PHE A 408 33.73 11.95 -55.18
C PHE A 408 33.83 13.17 -54.25
N THR A 409 34.10 12.93 -52.97
CA THR A 409 34.08 13.97 -51.96
C THR A 409 35.22 13.85 -50.99
N CYS A 410 35.62 14.99 -50.41
CA CYS A 410 36.56 15.07 -49.33
C CYS A 410 36.00 16.01 -48.27
N ILE A 411 36.10 15.64 -46.99
CA ILE A 411 35.56 16.40 -45.87
C ILE A 411 36.67 17.11 -45.09
N CYS A 412 36.44 18.36 -44.71
CA CYS A 412 37.36 19.16 -43.91
C CYS A 412 36.64 19.57 -42.60
N LYS A 413 37.30 19.37 -41.47
CA LYS A 413 36.76 19.77 -40.17
C LYS A 413 37.70 20.71 -39.49
N LYS A 414 37.14 21.70 -38.80
CA LYS A 414 37.96 22.57 -37.97
C LYS A 414 37.14 22.86 -36.75
N ASP A 415 37.55 22.28 -35.62
CA ASP A 415 36.81 22.45 -34.36
C ASP A 415 35.36 21.87 -34.54
N LYS A 416 34.31 22.65 -34.30
CA LYS A 416 32.93 22.20 -34.51
C LYS A 416 32.41 22.50 -35.93
N LYS A 417 33.23 23.11 -36.78
CA LYS A 417 32.83 23.51 -38.12
C LYS A 417 33.28 22.47 -39.14
N SER A 418 32.52 22.32 -40.20
CA SER A 418 32.83 21.34 -41.23
C SER A 418 32.36 21.81 -42.60
N ALA A 419 33.14 21.48 -43.59
CA ALA A 419 32.84 21.81 -44.98
C ALA A 419 33.32 20.64 -45.83
N TYR A 420 32.72 20.44 -47.00
CA TYR A 420 33.12 19.31 -47.83
C TYR A 420 33.18 19.70 -49.27
N MET A 421 34.17 19.18 -49.96
CA MET A 421 34.36 19.45 -51.37
C MET A 421 33.81 18.30 -52.18
N THR A 422 32.92 18.58 -53.13
CA THR A 422 32.44 17.56 -54.05
C THR A 422 33.11 17.87 -55.39
N VAL A 423 33.59 16.84 -56.07
CA VAL A 423 34.26 17.00 -57.36
C VAL A 423 33.56 16.14 -58.39
N THR A 424 33.37 16.66 -59.60
CA THR A 424 32.88 15.86 -60.72
C THR A 424 33.89 16.03 -61.85
N ILE A 425 34.30 14.93 -62.47
CA ILE A 425 35.22 14.98 -63.60
C ILE A 425 34.54 14.25 -64.75
N ASP A 426 34.29 14.97 -65.85
CA ASP A 426 33.61 14.40 -67.01
C ASP A 426 34.49 13.64 -67.96
N SER A 427 33.93 12.56 -68.56
CA SER A 427 34.55 11.77 -69.62
C SER A 427 34.34 12.51 -70.95
N ALA A 428 35.15 12.22 -71.98
CA ALA A 428 35.02 12.88 -73.29
C ALA A 428 33.66 12.64 -73.94
N PRO A 429 33.08 13.68 -74.56
CA PRO A 429 31.74 13.52 -75.19
C PRO A 429 31.61 12.35 -76.16
N ASP B 1 21.67 26.22 -30.30
CA ASP B 1 22.04 24.85 -30.02
C ASP B 1 21.11 23.90 -30.77
N VAL B 2 21.67 22.83 -31.31
CA VAL B 2 20.94 21.80 -32.00
C VAL B 2 20.14 21.05 -30.93
N LYS B 3 18.86 20.79 -31.18
CA LYS B 3 18.05 20.07 -30.23
C LYS B 3 17.09 19.14 -30.96
N LEU B 4 16.87 17.94 -30.41
CA LEU B 4 15.95 16.95 -30.94
C LEU B 4 15.16 16.46 -29.74
N VAL B 5 13.81 16.58 -29.79
CA VAL B 5 12.98 16.21 -28.66
C VAL B 5 11.91 15.23 -29.10
N GLU B 6 12.03 13.98 -28.67
CA GLU B 6 11.07 12.94 -29.01
C GLU B 6 9.88 12.97 -28.06
N SER B 7 8.72 12.52 -28.56
CA SER B 7 7.50 12.41 -27.78
C SER B 7 6.62 11.32 -28.39
N GLY B 8 5.58 10.93 -27.68
CA GLY B 8 4.62 9.97 -28.20
C GLY B 8 4.72 8.58 -27.63
N GLY B 9 5.80 8.30 -26.92
CA GLY B 9 5.99 6.96 -26.35
C GLY B 9 4.94 6.63 -25.31
N GLY B 10 4.75 5.34 -25.07
CA GLY B 10 3.79 4.88 -24.08
C GLY B 10 3.58 3.39 -24.12
N LEU B 11 2.48 2.93 -23.54
CA LEU B 11 2.12 1.52 -23.47
C LEU B 11 1.16 1.20 -24.59
N VAL B 12 1.44 0.14 -25.35
CA VAL B 12 0.60 -0.27 -26.47
C VAL B 12 0.34 -1.77 -26.36
N LYS B 13 -0.89 -2.22 -26.65
CA LYS B 13 -1.19 -3.65 -26.61
C LYS B 13 -0.51 -4.36 -27.79
N LEU B 14 -0.37 -5.70 -27.70
CA LEU B 14 0.19 -6.49 -28.80
C LEU B 14 -0.67 -6.32 -30.04
N GLY B 15 -0.02 -6.09 -31.18
CA GLY B 15 -0.70 -5.83 -32.44
C GLY B 15 -1.18 -4.39 -32.62
N GLY B 16 -1.00 -3.56 -31.59
CA GLY B 16 -1.42 -2.17 -31.63
C GLY B 16 -0.58 -1.23 -32.48
N SER B 17 -0.98 0.03 -32.52
CA SER B 17 -0.32 1.05 -33.32
C SER B 17 -0.02 2.26 -32.45
N LEU B 18 1.01 3.02 -32.82
CA LEU B 18 1.37 4.23 -32.09
C LEU B 18 2.20 5.14 -33.00
N LYS B 19 2.09 6.45 -32.82
CA LYS B 19 2.87 7.39 -33.60
C LYS B 19 3.86 8.14 -32.70
N LEU B 20 5.15 8.12 -33.06
CA LEU B 20 6.20 8.86 -32.37
C LEU B 20 6.49 10.13 -33.14
N SER B 21 6.96 11.16 -32.44
CA SER B 21 7.28 12.41 -33.08
C SER B 21 8.56 12.97 -32.52
N CYS B 22 9.26 13.79 -33.29
CA CYS B 22 10.51 14.40 -32.87
C CYS B 22 10.48 15.84 -33.34
N ALA B 23 10.70 16.80 -32.43
CA ALA B 23 10.72 18.21 -32.77
C ALA B 23 12.20 18.64 -32.89
N ALA B 24 12.60 19.14 -34.06
CA ALA B 24 13.98 19.55 -34.27
C ALA B 24 14.09 21.08 -34.22
N SER B 25 15.16 21.61 -33.61
CA SER B 25 15.37 23.06 -33.58
C SER B 25 16.85 23.41 -33.58
N GLY B 26 17.19 24.66 -33.92
CA GLY B 26 18.59 25.12 -33.83
C GLY B 26 19.49 24.75 -34.98
N PHE B 27 18.92 24.27 -36.09
CA PHE B 27 19.69 23.94 -37.29
C PHE B 27 18.76 23.90 -38.50
N THR B 28 19.31 23.85 -39.72
CA THR B 28 18.51 23.73 -40.93
C THR B 28 18.11 22.26 -41.07
N PHE B 29 16.93 21.93 -40.55
CA PHE B 29 16.41 20.57 -40.53
C PHE B 29 16.44 19.87 -41.88
N SER B 30 16.01 20.57 -42.93
CA SER B 30 15.92 20.04 -44.28
C SER B 30 17.27 19.71 -44.93
N SER B 31 18.40 20.06 -44.27
CA SER B 31 19.72 19.68 -44.83
C SER B 31 20.21 18.32 -44.33
N TYR B 32 19.54 17.73 -43.33
CA TYR B 32 20.03 16.50 -42.71
C TYR B 32 19.15 15.30 -42.94
N TYR B 33 19.76 14.12 -43.01
CA TYR B 33 19.08 12.83 -43.03
C TYR B 33 18.63 12.62 -41.56
N MET B 34 17.47 11.97 -41.34
CA MET B 34 17.00 11.76 -39.98
C MET B 34 16.68 10.29 -39.80
N SER B 35 16.87 9.77 -38.58
CA SER B 35 16.60 8.38 -38.32
C SER B 35 15.98 8.18 -36.95
N TRP B 36 15.30 7.04 -36.81
CA TRP B 36 14.85 6.55 -35.53
C TRP B 36 15.79 5.36 -35.23
N VAL B 37 16.48 5.41 -34.09
CA VAL B 37 17.40 4.34 -33.64
C VAL B 37 16.88 3.92 -32.27
N ARG B 38 16.60 2.62 -32.08
CA ARG B 38 16.08 2.18 -30.79
C ARG B 38 17.12 1.46 -29.96
N GLN B 39 16.97 1.55 -28.64
CA GLN B 39 17.85 0.86 -27.72
C GLN B 39 17.01 -0.14 -26.93
N THR B 40 17.28 -1.40 -27.13
CA THR B 40 16.55 -2.48 -26.47
C THR B 40 16.91 -2.56 -24.98
N PRO B 41 16.10 -3.32 -24.19
CA PRO B 41 16.44 -3.50 -22.77
C PRO B 41 17.82 -4.14 -22.52
N GLU B 42 18.36 -4.90 -23.49
CA GLU B 42 19.72 -5.47 -23.39
C GLU B 42 20.84 -4.49 -23.88
N LYS B 43 20.46 -3.21 -24.16
CA LYS B 43 21.32 -2.09 -24.55
C LYS B 43 21.87 -2.18 -25.97
N ARG B 44 21.24 -2.98 -26.83
CA ARG B 44 21.64 -3.04 -28.23
C ARG B 44 21.01 -1.84 -28.96
N LEU B 45 21.73 -1.25 -29.91
CA LEU B 45 21.26 -0.14 -30.71
C LEU B 45 20.91 -0.69 -32.09
N GLU B 46 19.72 -0.33 -32.60
CA GLU B 46 19.28 -0.81 -33.90
C GLU B 46 18.63 0.32 -34.65
N LEU B 47 18.99 0.48 -35.92
CA LEU B 47 18.31 1.46 -36.76
C LEU B 47 16.91 0.88 -37.04
N VAL B 48 15.88 1.70 -36.93
CA VAL B 48 14.49 1.31 -37.20
C VAL B 48 14.08 1.89 -38.56
N ALA B 49 14.45 3.15 -38.85
CA ALA B 49 14.02 3.81 -40.09
C ALA B 49 14.87 5.00 -40.37
N ALA B 50 15.16 5.25 -41.64
CA ALA B 50 15.97 6.40 -42.05
C ALA B 50 15.27 7.12 -43.19
N ILE B 51 15.41 8.43 -43.25
CA ILE B 51 14.79 9.25 -44.29
C ILE B 51 15.79 10.29 -44.75
N ASN B 52 15.84 10.56 -46.06
CA ASN B 52 16.76 11.56 -46.58
C ASN B 52 16.27 13.00 -46.27
N ASN B 53 17.09 13.97 -46.60
CA ASN B 53 16.86 15.38 -46.29
C ASN B 53 15.51 15.92 -46.83
N ASN B 54 15.10 15.54 -48.06
CA ASN B 54 13.85 16.04 -48.62
C ASN B 54 12.63 15.12 -48.41
N GLY B 55 12.81 13.95 -47.80
CA GLY B 55 11.70 13.03 -47.56
C GLY B 55 11.34 12.11 -48.71
N GLY B 56 12.06 12.21 -49.83
CA GLY B 56 11.78 11.38 -50.99
C GLY B 56 12.26 9.94 -50.92
N SER B 57 13.23 9.65 -50.03
CA SER B 57 13.78 8.29 -49.92
C SER B 57 13.81 7.85 -48.49
N THR B 58 13.44 6.60 -48.26
CA THR B 58 13.43 6.04 -46.91
C THR B 58 14.05 4.62 -46.94
N TYR B 59 14.41 4.12 -45.76
CA TYR B 59 14.91 2.76 -45.65
C TYR B 59 14.44 2.17 -44.32
N TYR B 60 14.09 0.89 -44.34
CA TYR B 60 13.71 0.17 -43.15
C TYR B 60 14.40 -1.17 -43.19
N PRO B 61 14.99 -1.60 -42.06
CA PRO B 61 15.50 -2.99 -42.01
C PRO B 61 14.32 -3.96 -42.02
N ASP B 62 14.58 -5.21 -42.37
CA ASP B 62 13.53 -6.23 -42.48
C ASP B 62 12.77 -6.52 -41.18
N THR B 63 13.32 -6.12 -40.03
CA THR B 63 12.67 -6.33 -38.74
C THR B 63 11.38 -5.49 -38.60
N VAL B 64 11.29 -4.34 -39.29
CA VAL B 64 10.11 -3.45 -39.17
C VAL B 64 9.52 -3.03 -40.51
N LYS B 65 10.15 -3.39 -41.63
CA LYS B 65 9.67 -3.03 -42.97
C LYS B 65 8.22 -3.46 -43.19
N GLY B 66 7.39 -2.57 -43.71
CA GLY B 66 5.97 -2.81 -43.91
C GLY B 66 5.13 -2.39 -42.72
N ARG B 67 5.67 -2.48 -41.51
CA ARG B 67 4.95 -2.15 -40.29
C ARG B 67 5.16 -0.70 -39.85
N PHE B 68 6.35 -0.16 -40.12
CA PHE B 68 6.71 1.18 -39.69
C PHE B 68 6.84 2.10 -40.89
N THR B 69 6.49 3.37 -40.68
CA THR B 69 6.59 4.38 -41.72
C THR B 69 7.19 5.63 -41.14
N ILE B 70 8.32 6.07 -41.69
CA ILE B 70 8.99 7.30 -41.25
C ILE B 70 8.59 8.42 -42.23
N SER B 71 8.35 9.62 -41.70
CA SER B 71 8.04 10.76 -42.52
C SER B 71 8.58 12.02 -41.84
N ARG B 72 8.67 13.11 -42.57
CA ARG B 72 9.12 14.37 -42.01
C ARG B 72 8.30 15.50 -42.59
N ASP B 73 8.21 16.61 -41.85
CA ASP B 73 7.48 17.78 -42.31
C ASP B 73 8.50 18.89 -42.18
N ASN B 74 9.11 19.25 -43.31
CA ASN B 74 10.14 20.28 -43.32
C ASN B 74 9.57 21.73 -43.14
N ALA B 75 8.23 21.90 -43.15
CA ALA B 75 7.62 23.18 -42.84
C ALA B 75 7.52 23.34 -41.31
N LYS B 76 7.38 22.23 -40.56
CA LYS B 76 7.21 22.26 -39.12
C LYS B 76 8.44 21.81 -38.34
N ASN B 77 9.51 21.35 -39.02
CA ASN B 77 10.70 20.81 -38.34
C ASN B 77 10.36 19.58 -37.48
N THR B 78 9.56 18.65 -38.01
CA THR B 78 9.18 17.47 -37.26
C THR B 78 9.48 16.20 -38.03
N LEU B 79 9.78 15.13 -37.31
CA LEU B 79 10.04 13.79 -37.83
C LEU B 79 8.98 12.91 -37.16
N ASN B 80 8.37 11.99 -37.88
CA ASN B 80 7.36 11.12 -37.32
C ASN B 80 7.70 9.66 -37.59
N LEU B 81 7.23 8.78 -36.72
CA LEU B 81 7.35 7.35 -36.92
C LEU B 81 5.99 6.73 -36.64
N GLN B 82 5.30 6.20 -37.67
CA GLN B 82 4.01 5.55 -37.48
C GLN B 82 4.34 4.06 -37.34
N MET B 83 3.97 3.46 -36.21
CA MET B 83 4.31 2.06 -35.96
C MET B 83 3.02 1.25 -35.91
N ASN B 84 2.87 0.25 -36.80
CA ASN B 84 1.68 -0.61 -36.82
C ASN B 84 2.06 -2.03 -36.46
N SER B 85 1.04 -2.84 -36.08
CA SER B 85 1.16 -4.26 -35.72
C SER B 85 2.37 -4.50 -34.78
N LEU B 86 2.43 -3.71 -33.74
CA LEU B 86 3.51 -3.77 -32.76
C LEU B 86 3.68 -5.11 -32.10
N LYS B 87 4.92 -5.51 -31.91
CA LYS B 87 5.28 -6.78 -31.30
C LYS B 87 5.98 -6.51 -29.98
N SER B 88 6.04 -7.52 -29.13
CA SER B 88 6.76 -7.46 -27.85
C SER B 88 8.24 -7.04 -28.05
N GLU B 89 8.89 -7.54 -29.12
CA GLU B 89 10.29 -7.22 -29.42
C GLU B 89 10.52 -5.77 -29.86
N ASP B 90 9.45 -5.01 -30.11
CA ASP B 90 9.56 -3.59 -30.43
C ASP B 90 9.71 -2.72 -29.18
N THR B 91 9.58 -3.29 -27.95
CA THR B 91 9.74 -2.58 -26.69
C THR B 91 11.17 -2.08 -26.61
N ALA B 92 11.34 -0.76 -26.54
CA ALA B 92 12.68 -0.15 -26.59
C ALA B 92 12.57 1.35 -26.28
N LEU B 93 13.72 2.01 -26.08
CA LEU B 93 13.80 3.46 -25.95
C LEU B 93 14.08 3.92 -27.40
N TYR B 94 13.24 4.78 -27.96
CA TYR B 94 13.38 5.23 -29.35
C TYR B 94 14.02 6.60 -29.40
N TYR B 95 15.18 6.70 -30.06
CA TYR B 95 15.86 7.96 -30.24
C TYR B 95 15.66 8.50 -31.64
N CYS B 96 15.58 9.80 -31.73
CA CYS B 96 15.55 10.60 -32.93
C CYS B 96 17.05 11.06 -33.09
N THR B 97 17.67 10.87 -34.26
CA THR B 97 19.08 11.29 -34.44
C THR B 97 19.32 11.74 -35.88
N ARG B 98 20.27 12.63 -36.09
CA ARG B 98 20.53 13.16 -37.42
C ARG B 98 21.88 12.69 -37.98
N GLN B 99 22.03 12.83 -39.30
CA GLN B 99 23.26 12.54 -40.04
C GLN B 99 23.30 13.52 -41.20
N HIS B 100 24.48 13.72 -41.75
CA HIS B 100 24.63 14.51 -42.96
C HIS B 100 25.44 13.66 -43.93
N TYR B 101 25.18 13.80 -45.23
CA TYR B 101 26.03 13.17 -46.25
C TYR B 101 27.52 13.67 -46.04
N GLY B 102 27.66 14.98 -45.82
CA GLY B 102 28.91 15.71 -45.63
C GLY B 102 29.64 15.52 -44.32
N ASN B 103 29.06 14.76 -43.39
CA ASN B 103 29.82 14.37 -42.18
C ASN B 103 30.08 12.82 -42.21
N LEU B 104 29.92 12.19 -43.39
CA LEU B 104 30.09 10.74 -43.56
C LEU B 104 29.04 9.95 -42.75
N TYR B 105 27.81 10.50 -42.69
CA TYR B 105 26.69 9.87 -42.02
C TYR B 105 27.00 9.51 -40.56
N PHE B 106 27.52 10.47 -39.82
CA PHE B 106 27.88 10.34 -38.42
C PHE B 106 26.68 10.86 -37.58
N PHE B 107 26.21 10.09 -36.60
CA PHE B 107 25.04 10.52 -35.80
C PHE B 107 25.56 11.52 -34.75
N ASP B 108 25.67 12.80 -35.13
CA ASP B 108 26.33 13.78 -34.26
C ASP B 108 25.42 14.43 -33.23
N TYR B 109 24.09 14.25 -33.33
CA TYR B 109 23.13 14.73 -32.34
C TYR B 109 22.04 13.70 -32.18
N TRP B 110 21.65 13.46 -30.94
CA TRP B 110 20.61 12.48 -30.61
C TRP B 110 19.66 13.15 -29.59
N GLY B 111 18.38 12.79 -29.59
CA GLY B 111 17.48 13.26 -28.57
C GLY B 111 17.64 12.44 -27.29
N GLN B 112 16.82 12.71 -26.27
CA GLN B 112 16.89 11.92 -25.02
C GLN B 112 16.14 10.58 -25.10
N GLY B 113 15.29 10.44 -26.10
CA GLY B 113 14.54 9.23 -26.36
C GLY B 113 13.13 9.24 -25.80
N THR B 114 12.25 8.42 -26.38
CA THR B 114 10.88 8.21 -25.89
C THR B 114 10.66 6.71 -25.75
N THR B 115 10.11 6.26 -24.62
CA THR B 115 9.96 4.82 -24.34
C THR B 115 8.70 4.20 -24.91
N LEU B 116 8.86 3.05 -25.57
CA LEU B 116 7.73 2.27 -26.08
C LEU B 116 7.71 0.95 -25.34
N THR B 117 6.53 0.60 -24.79
CA THR B 117 6.35 -0.69 -24.12
C THR B 117 5.21 -1.42 -24.80
N VAL B 118 5.50 -2.55 -25.44
CA VAL B 118 4.47 -3.32 -26.13
C VAL B 118 4.12 -4.51 -25.28
N SER B 119 2.89 -4.54 -24.79
CA SER B 119 2.43 -5.60 -23.93
C SER B 119 0.91 -5.56 -23.82
N SER B 120 0.30 -6.72 -23.72
CA SER B 120 -1.16 -6.78 -23.50
C SER B 120 -1.53 -6.91 -22.02
N ALA B 121 -0.54 -6.79 -21.10
CA ALA B 121 -0.80 -6.84 -19.68
C ALA B 121 -1.58 -5.59 -19.25
N LYS B 122 -2.44 -5.75 -18.25
CA LYS B 122 -3.22 -4.64 -17.72
C LYS B 122 -2.46 -3.97 -16.59
N THR B 123 -2.80 -2.71 -16.28
CA THR B 123 -2.19 -2.01 -15.15
C THR B 123 -2.55 -2.76 -13.86
N THR B 124 -1.53 -3.22 -13.13
CA THR B 124 -1.71 -4.01 -11.93
C THR B 124 -0.87 -3.43 -10.83
N PRO B 125 -1.47 -3.23 -9.63
CA PRO B 125 -0.66 -2.73 -8.50
C PRO B 125 0.25 -3.82 -7.95
N PRO B 126 1.37 -3.45 -7.32
CA PRO B 126 2.29 -4.48 -6.82
C PRO B 126 1.88 -5.06 -5.47
N SER B 127 2.36 -6.27 -5.20
CA SER B 127 2.21 -6.91 -3.90
C SER B 127 3.56 -6.68 -3.21
N VAL B 128 3.55 -6.14 -1.99
CA VAL B 128 4.79 -5.85 -1.28
C VAL B 128 4.97 -6.85 -0.15
N TYR B 129 6.02 -7.66 -0.23
CA TYR B 129 6.29 -8.68 0.77
C TYR B 129 7.56 -8.38 1.54
N PRO B 130 7.51 -8.48 2.88
CA PRO B 130 8.72 -8.22 3.67
C PRO B 130 9.74 -9.36 3.61
N LEU B 131 11.03 -9.02 3.61
CA LEU B 131 12.09 -10.02 3.61
C LEU B 131 12.84 -9.90 4.92
N ALA B 132 12.58 -10.83 5.84
CA ALA B 132 13.24 -10.85 7.15
C ALA B 132 14.07 -12.14 7.32
N PRO B 133 15.19 -12.10 8.07
CA PRO B 133 15.99 -13.31 8.26
C PRO B 133 15.18 -14.39 9.01
N GLY B 134 15.28 -15.63 8.56
CA GLY B 134 14.56 -16.74 9.18
C GLY B 134 15.11 -17.11 10.53
N ASN B 140 25.43 -11.81 13.81
CA ASN B 140 26.17 -10.95 12.88
C ASN B 140 26.16 -9.48 13.31
N SER B 141 27.16 -8.71 12.87
CA SER B 141 27.27 -7.29 13.20
C SER B 141 26.29 -6.44 12.40
N MET B 142 26.12 -6.77 11.12
CA MET B 142 25.21 -6.06 10.22
C MET B 142 24.07 -6.97 9.80
N VAL B 143 22.84 -6.46 9.77
CA VAL B 143 21.69 -7.23 9.33
C VAL B 143 21.19 -6.70 7.98
N THR B 144 20.93 -7.60 7.03
CA THR B 144 20.41 -7.20 5.74
C THR B 144 18.91 -7.55 5.67
N LEU B 145 18.09 -6.53 5.49
CA LEU B 145 16.65 -6.69 5.36
C LEU B 145 16.26 -6.43 3.88
N GLY B 146 15.06 -6.88 3.50
CA GLY B 146 14.61 -6.74 2.12
C GLY B 146 13.15 -6.41 1.94
N CYS B 147 12.80 -6.08 0.70
CA CYS B 147 11.46 -5.71 0.29
C CYS B 147 11.24 -6.36 -1.08
N LEU B 148 10.37 -7.36 -1.16
CA LEU B 148 10.07 -8.00 -2.46
C LEU B 148 8.79 -7.38 -3.07
N VAL B 149 8.91 -6.73 -4.24
CA VAL B 149 7.81 -6.05 -4.94
C VAL B 149 7.41 -6.92 -6.14
N LYS B 150 6.26 -7.59 -6.06
CA LYS B 150 5.88 -8.58 -7.06
C LYS B 150 4.56 -8.36 -7.82
N GLY B 151 4.58 -8.68 -9.11
CA GLY B 151 3.41 -8.69 -9.99
C GLY B 151 2.78 -7.37 -10.35
N TYR B 152 3.59 -6.36 -10.64
CA TYR B 152 3.06 -5.04 -11.02
C TYR B 152 3.24 -4.76 -12.52
N PHE B 153 2.47 -3.82 -13.03
CA PHE B 153 2.56 -3.41 -14.42
C PHE B 153 1.89 -2.05 -14.58
N PRO B 154 2.45 -1.14 -15.40
CA PRO B 154 3.75 -1.20 -16.05
C PRO B 154 4.87 -0.71 -15.11
N GLU B 155 6.09 -0.60 -15.62
CA GLU B 155 7.19 0.00 -14.89
C GLU B 155 6.96 1.53 -14.90
N PRO B 156 7.49 2.28 -13.92
CA PRO B 156 8.37 1.85 -12.84
C PRO B 156 7.68 1.82 -11.46
N VAL B 157 8.43 1.36 -10.47
CA VAL B 157 8.10 1.41 -9.07
C VAL B 157 9.28 2.08 -8.37
N THR B 158 9.01 3.00 -7.45
CA THR B 158 10.08 3.65 -6.68
C THR B 158 10.11 2.98 -5.31
N VAL B 159 11.29 2.65 -4.79
CA VAL B 159 11.41 2.04 -3.47
C VAL B 159 12.33 2.86 -2.58
N THR B 160 11.83 3.33 -1.42
CA THR B 160 12.66 4.04 -0.43
C THR B 160 12.62 3.29 0.92
N TRP B 161 13.50 3.65 1.85
CA TRP B 161 13.54 3.01 3.16
C TRP B 161 13.45 4.10 4.22
N ASN B 162 12.48 4.00 5.13
CA ASN B 162 12.24 4.99 6.19
C ASN B 162 12.02 6.38 5.61
N SER B 163 11.23 6.45 4.52
CA SER B 163 10.86 7.67 3.79
C SER B 163 12.05 8.43 3.18
N GLY B 164 13.18 7.75 2.98
CA GLY B 164 14.36 8.37 2.43
C GLY B 164 15.49 8.60 3.41
N SER B 165 15.20 8.51 4.73
CA SER B 165 16.24 8.72 5.74
C SER B 165 17.25 7.57 5.80
N LEU B 166 16.85 6.36 5.39
CA LEU B 166 17.75 5.23 5.33
C LEU B 166 18.24 5.16 3.88
N SER B 167 19.37 5.81 3.60
CA SER B 167 19.90 5.88 2.23
C SER B 167 21.19 5.09 2.03
N SER B 168 21.98 4.90 3.09
CA SER B 168 23.22 4.15 2.99
C SER B 168 22.95 2.64 3.10
N GLY B 169 23.69 1.85 2.35
CA GLY B 169 23.54 0.41 2.36
C GLY B 169 22.31 -0.11 1.65
N VAL B 170 21.74 0.70 0.75
CA VAL B 170 20.54 0.32 0.00
C VAL B 170 20.84 0.00 -1.47
N HIS B 171 20.33 -1.14 -1.98
CA HIS B 171 20.43 -1.48 -3.40
C HIS B 171 19.04 -1.87 -3.87
N THR B 172 18.57 -1.30 -4.99
CA THR B 172 17.31 -1.75 -5.57
C THR B 172 17.65 -2.45 -6.87
N PHE B 173 17.21 -3.69 -7.00
CA PHE B 173 17.53 -4.51 -8.16
C PHE B 173 16.63 -4.23 -9.36
N PRO B 174 17.18 -4.28 -10.58
CA PRO B 174 16.34 -4.06 -11.77
C PRO B 174 15.19 -5.07 -11.86
N ALA B 175 14.04 -4.64 -12.35
CA ALA B 175 12.88 -5.52 -12.47
C ALA B 175 13.07 -6.57 -13.54
N VAL B 176 12.48 -7.73 -13.31
CA VAL B 176 12.50 -8.84 -14.24
C VAL B 176 11.04 -9.17 -14.64
N LEU B 177 10.84 -9.70 -15.85
CA LEU B 177 9.52 -10.08 -16.32
C LEU B 177 9.19 -11.47 -15.79
N GLU B 178 8.00 -11.64 -15.22
CA GLU B 178 7.54 -12.88 -14.60
C GLU B 178 6.02 -12.95 -14.79
N SER B 179 5.55 -13.85 -15.67
CA SER B 179 4.15 -14.03 -16.03
C SER B 179 3.54 -12.73 -16.57
N ASP B 180 4.29 -12.07 -17.50
CA ASP B 180 3.90 -10.80 -18.13
C ASP B 180 3.85 -9.60 -17.16
N LEU B 181 4.16 -9.79 -15.89
CA LEU B 181 4.17 -8.72 -14.90
C LEU B 181 5.60 -8.56 -14.37
N TYR B 182 5.91 -7.41 -13.75
CA TYR B 182 7.26 -7.17 -13.24
C TYR B 182 7.45 -7.53 -11.78
N THR B 183 8.68 -7.86 -11.40
CA THR B 183 9.03 -8.20 -10.05
C THR B 183 10.43 -7.67 -9.74
N LEU B 184 10.58 -6.95 -8.64
CA LEU B 184 11.89 -6.49 -8.19
C LEU B 184 12.04 -6.65 -6.69
N SER B 185 13.26 -6.56 -6.20
CA SER B 185 13.53 -6.59 -4.78
C SER B 185 14.43 -5.41 -4.43
N SER B 186 14.37 -5.00 -3.18
CA SER B 186 15.23 -3.94 -2.67
C SER B 186 15.88 -4.47 -1.39
N SER B 187 17.15 -4.15 -1.20
CA SER B 187 17.98 -4.59 -0.08
C SER B 187 18.37 -3.38 0.78
N VAL B 188 18.39 -3.54 2.12
CA VAL B 188 18.81 -2.49 3.03
C VAL B 188 19.71 -3.10 4.11
N THR B 189 20.87 -2.50 4.39
CA THR B 189 21.77 -3.01 5.42
C THR B 189 21.94 -2.01 6.55
N VAL B 190 21.59 -2.43 7.77
CA VAL B 190 21.71 -1.61 8.98
C VAL B 190 22.47 -2.43 10.06
N PRO B 191 23.09 -1.80 11.08
CA PRO B 191 23.72 -2.61 12.15
C PRO B 191 22.68 -3.45 12.93
N SER B 192 23.15 -4.46 13.67
CA SER B 192 22.29 -5.33 14.47
C SER B 192 21.63 -4.59 15.64
N SER B 193 22.28 -3.54 16.16
CA SER B 193 21.76 -2.73 17.26
C SER B 193 20.47 -1.98 16.91
N PRO B 194 20.33 -1.22 15.79
CA PRO B 194 19.06 -0.53 15.53
C PRO B 194 17.92 -1.40 15.00
N TRP B 195 18.12 -2.73 14.80
CA TRP B 195 17.00 -3.57 14.33
C TRP B 195 16.92 -4.90 15.05
N PRO B 196 15.73 -5.27 15.56
CA PRO B 196 14.43 -4.58 15.45
C PRO B 196 14.13 -3.50 16.49
N SER B 197 15.15 -2.97 17.17
CA SER B 197 15.02 -1.94 18.20
C SER B 197 14.36 -0.64 17.67
N GLU B 198 14.71 -0.27 16.45
CA GLU B 198 14.20 0.90 15.72
C GLU B 198 13.50 0.39 14.44
N THR B 199 12.44 1.06 14.04
CA THR B 199 11.65 0.64 12.89
C THR B 199 12.36 0.79 11.53
N VAL B 200 12.21 -0.22 10.66
CA VAL B 200 12.73 -0.24 9.29
C VAL B 200 11.55 -0.55 8.38
N THR B 201 11.17 0.40 7.50
CA THR B 201 10.03 0.20 6.61
C THR B 201 10.38 0.50 5.14
N CYS B 202 9.89 -0.32 4.19
CA CYS B 202 10.09 0.00 2.77
C CYS B 202 8.84 0.69 2.23
N ASN B 203 9.04 1.78 1.49
CA ASN B 203 7.98 2.57 0.89
C ASN B 203 8.03 2.33 -0.60
N VAL B 204 7.01 1.68 -1.15
CA VAL B 204 6.96 1.40 -2.58
C VAL B 204 5.86 2.22 -3.23
N ALA B 205 6.21 2.96 -4.28
CA ALA B 205 5.23 3.75 -5.01
C ALA B 205 5.13 3.22 -6.43
N HIS B 206 3.91 3.10 -6.92
CA HIS B 206 3.64 2.66 -8.28
C HIS B 206 2.64 3.69 -8.85
N PRO B 207 3.16 4.78 -9.43
CA PRO B 207 2.28 5.84 -9.94
C PRO B 207 1.25 5.42 -10.99
N ALA B 208 1.55 4.42 -11.83
CA ALA B 208 0.61 3.96 -12.83
C ALA B 208 -0.70 3.43 -12.26
N SER B 209 -0.67 2.86 -11.05
CA SER B 209 -1.89 2.37 -10.41
C SER B 209 -2.33 3.24 -9.22
N SER B 210 -1.69 4.43 -9.01
CA SER B 210 -1.94 5.39 -7.95
C SER B 210 -1.84 4.73 -6.58
N THR B 211 -0.82 3.89 -6.39
CA THR B 211 -0.64 3.14 -5.17
C THR B 211 0.68 3.45 -4.46
N LYS B 212 0.62 3.54 -3.13
CA LYS B 212 1.79 3.67 -2.28
C LYS B 212 1.60 2.64 -1.15
N VAL B 213 2.59 1.78 -0.92
CA VAL B 213 2.51 0.76 0.12
C VAL B 213 3.72 0.86 1.02
N ASP B 214 3.51 0.91 2.35
CA ASP B 214 4.57 0.91 3.34
C ASP B 214 4.52 -0.46 4.01
N LYS B 215 5.65 -1.16 4.04
CA LYS B 215 5.71 -2.46 4.67
C LYS B 215 6.78 -2.45 5.75
N LYS B 216 6.35 -2.44 7.02
CA LYS B 216 7.30 -2.47 8.12
C LYS B 216 7.93 -3.87 8.23
N ILE B 217 9.25 -3.94 8.41
CA ILE B 217 9.93 -5.23 8.52
C ILE B 217 10.02 -5.67 9.97
N VAL B 218 9.27 -6.71 10.33
CA VAL B 218 9.27 -7.25 11.68
C VAL B 218 9.95 -8.64 11.71
N PRO B 219 10.55 -9.04 12.85
CA PRO B 219 11.24 -10.35 12.89
C PRO B 219 10.33 -11.55 12.66
N ARG B 220 10.89 -12.61 12.08
CA ARG B 220 10.20 -13.84 11.74
C ARG B 220 10.12 -14.77 12.97
N GLN C 1 22.57 -6.80 -41.11
CA GLN C 1 23.19 -7.98 -41.66
C GLN C 1 24.69 -7.99 -41.38
N ILE C 2 25.49 -6.91 -41.61
CA ILE C 2 26.90 -6.93 -41.19
C ILE C 2 26.92 -6.91 -39.66
N VAL C 3 27.58 -7.90 -39.07
CA VAL C 3 27.68 -8.04 -37.64
C VAL C 3 28.94 -7.37 -37.16
N LEU C 4 28.85 -6.52 -36.12
CA LEU C 4 30.02 -5.90 -35.51
C LEU C 4 30.19 -6.51 -34.13
N SER C 5 31.30 -7.19 -33.90
CA SER C 5 31.57 -7.91 -32.67
C SER C 5 32.56 -7.11 -31.85
N GLN C 6 32.13 -6.62 -30.72
CA GLN C 6 32.99 -5.82 -29.83
C GLN C 6 33.57 -6.64 -28.73
N SER C 7 34.88 -6.54 -28.54
CA SER C 7 35.54 -7.26 -27.49
C SER C 7 36.55 -6.36 -26.77
N PRO C 8 36.74 -6.56 -25.47
CA PRO C 8 35.94 -7.45 -24.60
C PRO C 8 34.57 -6.83 -24.36
N ALA C 9 33.59 -7.63 -23.88
CA ALA C 9 32.28 -7.06 -23.55
C ALA C 9 32.45 -6.06 -22.37
N ILE C 10 33.31 -6.41 -21.41
CA ILE C 10 33.60 -5.57 -20.26
C ILE C 10 35.11 -5.41 -20.21
N LEU C 11 35.60 -4.17 -20.29
CA LEU C 11 37.03 -3.90 -20.23
C LEU C 11 37.30 -3.34 -18.83
N SER C 12 37.90 -4.16 -17.96
CA SER C 12 38.19 -3.71 -16.58
C SER C 12 39.50 -2.94 -16.61
N ALA C 13 39.53 -1.73 -16.06
CA ALA C 13 40.77 -0.94 -16.05
C ALA C 13 40.92 -0.08 -14.81
N SER C 14 42.15 0.23 -14.44
CA SER C 14 42.41 1.19 -13.38
C SER C 14 42.79 2.49 -14.07
N PRO C 15 42.51 3.67 -13.48
CA PRO C 15 42.97 4.92 -14.11
C PRO C 15 44.49 4.92 -14.28
N GLY C 16 44.94 5.38 -15.44
CA GLY C 16 46.35 5.38 -15.76
C GLY C 16 46.72 4.31 -16.77
N GLU C 17 45.92 3.22 -16.86
CA GLU C 17 46.22 2.14 -17.79
C GLU C 17 46.02 2.56 -19.24
N LYS C 18 46.78 1.92 -20.14
CA LYS C 18 46.65 2.06 -21.58
C LYS C 18 45.78 0.86 -22.00
N VAL C 19 44.65 1.12 -22.68
CA VAL C 19 43.75 0.05 -23.07
C VAL C 19 43.29 0.16 -24.53
N THR C 20 42.82 -0.97 -25.09
CA THR C 20 42.29 -0.99 -26.45
C THR C 20 41.06 -1.91 -26.48
N MET C 21 40.04 -1.52 -27.23
CA MET C 21 38.87 -2.36 -27.41
C MET C 21 38.72 -2.54 -28.94
N THR C 22 38.25 -3.71 -29.36
CA THR C 22 38.19 -4.03 -30.77
C THR C 22 36.77 -4.16 -31.29
N CYS C 23 36.62 -3.87 -32.58
CA CYS C 23 35.37 -3.96 -33.30
C CYS C 23 35.69 -4.81 -34.53
N ARG C 24 35.22 -6.06 -34.57
CA ARG C 24 35.49 -6.94 -35.72
C ARG C 24 34.23 -7.08 -36.55
N ALA C 25 34.34 -6.91 -37.88
CA ALA C 25 33.15 -6.99 -38.74
C ALA C 25 33.04 -8.35 -39.42
N SER C 26 31.81 -8.86 -39.63
CA SER C 26 31.61 -10.16 -40.28
C SER C 26 32.03 -10.11 -41.74
N SER C 27 31.94 -8.93 -42.39
CA SER C 27 32.45 -8.72 -43.73
C SER C 27 33.08 -7.32 -43.77
N SER C 28 33.85 -7.03 -44.80
CA SER C 28 34.59 -5.79 -44.91
C SER C 28 33.74 -4.52 -44.80
N VAL C 29 34.18 -3.53 -43.99
CA VAL C 29 33.52 -2.22 -43.88
C VAL C 29 34.55 -1.12 -44.19
N THR C 30 34.14 -0.01 -44.83
CA THR C 30 35.11 1.01 -45.24
C THR C 30 35.42 2.07 -44.16
N TYR C 31 34.68 2.06 -43.06
CA TYR C 31 34.92 2.92 -41.91
C TYR C 31 34.10 2.43 -40.72
N ILE C 32 34.44 2.95 -39.53
CA ILE C 32 33.68 2.70 -38.31
C ILE C 32 33.52 4.05 -37.58
N HIS C 33 32.32 4.35 -37.09
CA HIS C 33 32.10 5.49 -36.22
C HIS C 33 32.01 4.92 -34.77
N TRP C 34 32.42 5.69 -33.78
CA TRP C 34 32.33 5.27 -32.39
C TRP C 34 31.48 6.29 -31.62
N TYR C 35 30.69 5.78 -30.65
CA TYR C 35 29.82 6.56 -29.80
C TYR C 35 30.06 6.17 -28.35
N GLN C 36 29.91 7.13 -27.44
CA GLN C 36 30.07 6.84 -26.02
C GLN C 36 28.72 7.04 -25.34
N GLN C 37 28.33 6.11 -24.46
CA GLN C 37 27.07 6.29 -23.73
C GLN C 37 27.27 6.02 -22.25
N LYS C 38 26.71 6.87 -21.39
CA LYS C 38 26.73 6.65 -19.95
C LYS C 38 25.27 6.46 -19.47
N PRO C 39 25.00 5.74 -18.37
CA PRO C 39 23.60 5.58 -17.90
C PRO C 39 22.89 6.91 -17.69
N GLY C 40 21.65 6.99 -18.17
CA GLY C 40 20.86 8.20 -18.02
C GLY C 40 20.90 9.13 -19.21
N SER C 41 21.76 8.85 -20.22
CA SER C 41 21.79 9.72 -21.40
C SER C 41 21.96 8.95 -22.70
N SER C 42 21.75 9.64 -23.81
CA SER C 42 21.81 9.04 -25.11
C SER C 42 23.26 8.88 -25.57
N PRO C 43 23.51 8.04 -26.59
CA PRO C 43 24.87 7.93 -27.13
C PRO C 43 25.35 9.27 -27.67
N LYS C 44 26.66 9.53 -27.54
CA LYS C 44 27.25 10.75 -28.02
C LYS C 44 28.28 10.43 -29.09
N PRO C 45 28.40 11.30 -30.12
CA PRO C 45 29.49 11.15 -31.11
C PRO C 45 30.86 11.13 -30.40
N TRP C 46 31.73 10.18 -30.75
CA TRP C 46 33.02 10.05 -30.08
C TRP C 46 34.17 10.04 -31.07
N ILE C 47 34.12 9.10 -32.06
CA ILE C 47 35.11 9.05 -33.11
C ILE C 47 34.41 8.98 -34.45
N GLN C 48 34.71 9.93 -35.32
CA GLN C 48 34.09 9.98 -36.64
C GLN C 48 35.02 9.39 -37.70
N ALA C 49 34.48 8.55 -38.58
CA ALA C 49 35.17 7.99 -39.75
C ALA C 49 36.54 7.42 -39.38
N THR C 50 36.49 6.47 -38.46
CA THR C 50 37.58 5.60 -37.97
C THR C 50 38.55 6.26 -37.01
N SER C 51 39.03 7.45 -37.33
CA SER C 51 40.12 8.05 -36.54
C SER C 51 40.02 9.52 -36.22
N SER C 52 38.96 10.22 -36.67
CA SER C 52 38.85 11.65 -36.39
C SER C 52 38.03 11.93 -35.12
N LEU C 53 38.65 12.40 -34.03
CA LEU C 53 37.92 12.62 -32.78
C LEU C 53 36.76 13.61 -32.94
N ALA C 54 35.64 13.34 -32.28
CA ALA C 54 34.52 14.31 -32.27
C ALA C 54 34.94 15.51 -31.41
N SER C 55 34.28 16.65 -31.62
CA SER C 55 34.54 17.87 -30.86
C SER C 55 34.45 17.65 -29.34
N GLY C 56 35.44 18.09 -28.61
CA GLY C 56 35.46 17.95 -27.16
C GLY C 56 36.01 16.64 -26.62
N VAL C 57 36.30 15.66 -27.50
CA VAL C 57 36.83 14.38 -27.03
C VAL C 57 38.34 14.53 -26.75
N PRO C 58 38.79 14.14 -25.54
CA PRO C 58 40.21 14.34 -25.20
C PRO C 58 41.17 13.54 -26.05
N ALA C 59 42.38 14.10 -26.21
CA ALA C 59 43.46 13.56 -27.03
C ALA C 59 43.92 12.16 -26.62
N ARG C 60 43.61 11.70 -25.39
CA ARG C 60 43.97 10.33 -24.96
C ARG C 60 43.22 9.25 -25.77
N PHE C 61 42.11 9.64 -26.45
CA PHE C 61 41.37 8.70 -27.29
C PHE C 61 41.95 8.69 -28.67
N SER C 62 41.87 7.51 -29.33
CA SER C 62 42.24 7.36 -30.72
C SER C 62 41.48 6.21 -31.31
N GLY C 63 41.35 6.22 -32.63
CA GLY C 63 40.70 5.13 -33.33
C GLY C 63 41.52 4.71 -34.53
N SER C 64 41.43 3.45 -34.90
CA SER C 64 42.21 2.93 -36.01
C SER C 64 41.50 1.75 -36.69
N GLY C 65 42.00 1.31 -37.84
CA GLY C 65 41.48 0.11 -38.48
C GLY C 65 41.15 0.20 -39.95
N SER C 66 40.74 -0.92 -40.50
CA SER C 66 40.38 -1.06 -41.90
C SER C 66 39.81 -2.47 -42.12
N GLY C 67 39.12 -2.67 -43.25
CA GLY C 67 38.57 -3.97 -43.60
C GLY C 67 37.65 -4.58 -42.56
N THR C 68 38.11 -5.64 -41.87
CA THR C 68 37.27 -6.31 -40.89
C THR C 68 37.70 -6.05 -39.46
N SER C 69 38.72 -5.24 -39.21
CA SER C 69 39.21 -5.06 -37.84
C SER C 69 39.51 -3.62 -37.49
N TYR C 70 38.78 -3.08 -36.52
CA TYR C 70 38.92 -1.68 -36.09
C TYR C 70 39.09 -1.67 -34.58
N SER C 71 39.56 -0.55 -34.04
CA SER C 71 39.78 -0.46 -32.61
C SER C 71 39.68 0.97 -32.10
N LEU C 72 39.45 1.08 -30.82
CA LEU C 72 39.44 2.36 -30.11
C LEU C 72 40.47 2.17 -28.97
N SER C 73 41.36 3.14 -28.77
CA SER C 73 42.36 3.05 -27.70
C SER C 73 42.31 4.26 -26.78
N ILE C 74 42.68 4.06 -25.53
CA ILE C 74 42.80 5.13 -24.55
C ILE C 74 44.24 5.03 -24.04
N SER C 75 45.05 6.06 -24.25
CA SER C 75 46.47 6.05 -23.87
C SER C 75 46.70 5.99 -22.36
N ARG C 76 45.80 6.60 -21.59
CA ARG C 76 45.85 6.63 -20.13
C ARG C 76 44.41 6.84 -19.64
N VAL C 77 43.77 5.79 -19.14
CA VAL C 77 42.37 5.83 -18.69
C VAL C 77 42.15 6.83 -17.55
N GLU C 78 41.06 7.56 -17.60
CA GLU C 78 40.64 8.45 -16.52
C GLU C 78 39.33 7.90 -15.99
N ALA C 79 38.98 8.19 -14.74
CA ALA C 79 37.72 7.70 -14.16
C ALA C 79 36.50 8.09 -15.00
N GLU C 80 36.48 9.30 -15.60
CA GLU C 80 35.34 9.76 -16.42
C GLU C 80 35.15 8.96 -17.73
N ASP C 81 36.13 8.10 -18.08
CA ASP C 81 36.03 7.28 -19.30
C ASP C 81 35.15 6.05 -19.09
N ALA C 82 34.77 5.72 -17.83
CA ALA C 82 33.88 4.60 -17.54
C ALA C 82 32.53 4.88 -18.23
N ALA C 83 32.22 4.07 -19.25
CA ALA C 83 31.07 4.29 -20.13
C ALA C 83 30.99 3.06 -21.07
N THR C 84 29.93 2.97 -21.90
CA THR C 84 29.87 1.95 -22.92
C THR C 84 30.27 2.63 -24.24
N TYR C 85 31.14 1.99 -25.03
CA TYR C 85 31.57 2.50 -26.32
C TYR C 85 30.99 1.60 -27.39
N TYR C 86 30.25 2.17 -28.35
CA TYR C 86 29.64 1.41 -29.44
C TYR C 86 30.34 1.72 -30.74
N CYS C 87 30.59 0.71 -31.56
CA CYS C 87 31.09 0.92 -32.90
C CYS C 87 29.89 0.81 -33.88
N GLN C 88 30.01 1.40 -35.07
CA GLN C 88 28.88 1.45 -36.00
C GLN C 88 29.40 1.53 -37.42
N GLN C 89 28.75 0.77 -38.34
CA GLN C 89 29.17 0.78 -39.73
C GLN C 89 27.99 1.17 -40.60
N TRP C 90 28.29 1.69 -41.79
CA TRP C 90 27.29 1.85 -42.82
C TRP C 90 27.93 1.71 -44.20
N SER C 91 28.45 0.51 -44.46
CA SER C 91 29.05 0.14 -45.74
C SER C 91 28.03 -0.53 -46.68
N SER C 92 26.93 -1.06 -46.11
CA SER C 92 25.80 -1.63 -46.84
C SER C 92 24.59 -1.56 -45.93
N ASN C 93 23.39 -1.54 -46.52
CA ASN C 93 22.16 -1.54 -45.75
C ASN C 93 21.95 -2.94 -45.18
N PRO C 94 21.51 -3.06 -43.91
CA PRO C 94 21.26 -1.96 -42.97
C PRO C 94 22.51 -1.49 -42.27
N LEU C 95 22.43 -0.23 -41.82
CA LEU C 95 23.41 0.38 -40.92
C LEU C 95 23.29 -0.43 -39.59
N THR C 96 24.44 -0.83 -39.00
CA THR C 96 24.43 -1.63 -37.78
C THR C 96 25.40 -1.11 -36.75
N PHE C 97 25.15 -1.46 -35.48
CA PHE C 97 26.01 -1.14 -34.38
C PHE C 97 26.54 -2.43 -33.76
N GLY C 98 27.67 -2.32 -33.07
CA GLY C 98 28.16 -3.38 -32.21
C GLY C 98 27.35 -3.38 -30.90
N ALA C 99 27.49 -4.43 -30.07
CA ALA C 99 26.72 -4.51 -28.81
C ALA C 99 27.32 -3.63 -27.68
N GLY C 100 28.48 -3.02 -27.93
CA GLY C 100 29.14 -2.16 -26.96
C GLY C 100 30.21 -2.86 -26.14
N THR C 101 31.24 -2.10 -25.77
CA THR C 101 32.25 -2.53 -24.82
C THR C 101 32.05 -1.59 -23.64
N LYS C 102 31.81 -2.12 -22.43
CA LYS C 102 31.64 -1.28 -21.25
C LYS C 102 33.00 -1.17 -20.52
N LEU C 103 33.58 0.04 -20.48
CA LEU C 103 34.83 0.29 -19.79
C LEU C 103 34.44 0.45 -18.31
N GLU C 104 34.91 -0.49 -17.50
CA GLU C 104 34.60 -0.62 -16.08
C GLU C 104 35.85 -0.32 -15.25
N LEU C 105 35.67 0.36 -14.10
CA LEU C 105 36.81 0.65 -13.22
C LEU C 105 37.07 -0.50 -12.26
N LYS C 106 38.33 -0.89 -12.12
CA LYS C 106 38.76 -1.96 -11.22
C LYS C 106 38.72 -1.49 -9.75
N ARG C 107 38.66 -2.46 -8.85
CA ARG C 107 38.74 -2.26 -7.40
C ARG C 107 39.27 -3.56 -6.80
N ALA C 108 39.62 -3.58 -5.51
CA ALA C 108 40.10 -4.79 -4.86
C ALA C 108 38.98 -5.86 -4.88
N ASP C 109 39.35 -7.15 -4.98
CA ASP C 109 38.34 -8.21 -4.98
C ASP C 109 37.57 -8.21 -3.67
N ALA C 110 36.25 -8.40 -3.75
CA ALA C 110 35.41 -8.39 -2.56
C ALA C 110 34.47 -9.58 -2.63
N ALA C 111 34.43 -10.38 -1.57
CA ALA C 111 33.52 -11.53 -1.51
C ALA C 111 32.09 -11.02 -1.31
N PRO C 112 31.09 -11.69 -1.92
CA PRO C 112 29.71 -11.24 -1.73
C PRO C 112 29.18 -11.53 -0.32
N THR C 113 28.27 -10.70 0.15
CA THR C 113 27.61 -10.91 1.44
C THR C 113 26.31 -11.59 1.06
N VAL C 114 26.12 -12.85 1.49
CA VAL C 114 24.95 -13.63 1.10
C VAL C 114 23.88 -13.68 2.18
N SER C 115 22.64 -13.38 1.82
CA SER C 115 21.51 -13.40 2.74
C SER C 115 20.37 -14.17 2.12
N ILE C 116 19.81 -15.15 2.86
CA ILE C 116 18.66 -15.91 2.37
C ILE C 116 17.40 -15.53 3.17
N PHE C 117 16.27 -15.43 2.48
CA PHE C 117 15.01 -15.03 3.07
C PHE C 117 13.91 -15.98 2.71
N PRO C 118 13.19 -16.48 3.73
CA PRO C 118 12.01 -17.33 3.45
C PRO C 118 10.85 -16.51 2.92
N PRO C 119 9.85 -17.15 2.27
CA PRO C 119 8.66 -16.41 1.85
C PRO C 119 7.94 -15.80 3.06
N SER C 120 7.35 -14.63 2.89
CA SER C 120 6.64 -13.95 3.97
C SER C 120 5.29 -14.61 4.24
N SER C 121 4.69 -14.32 5.42
CA SER C 121 3.36 -14.83 5.73
C SER C 121 2.34 -14.22 4.75
N GLU C 122 2.51 -12.93 4.41
CA GLU C 122 1.63 -12.22 3.48
C GLU C 122 1.58 -12.91 2.12
N GLN C 123 2.74 -13.30 1.56
CA GLN C 123 2.77 -13.99 0.27
C GLN C 123 2.12 -15.35 0.34
N LEU C 124 2.39 -16.12 1.40
CA LEU C 124 1.79 -17.44 1.60
C LEU C 124 0.25 -17.42 1.59
N THR C 125 -0.40 -16.34 2.08
CA THR C 125 -1.87 -16.23 2.05
C THR C 125 -2.43 -16.14 0.62
N SER C 126 -1.59 -15.75 -0.35
CA SER C 126 -1.98 -15.63 -1.75
C SER C 126 -1.76 -16.91 -2.58
N GLY C 127 -1.16 -17.94 -1.99
CA GLY C 127 -0.93 -19.21 -2.66
C GLY C 127 0.46 -19.39 -3.26
N GLY C 128 1.34 -18.43 -3.06
CA GLY C 128 2.69 -18.50 -3.60
C GLY C 128 3.77 -18.42 -2.55
N ALA C 129 5.01 -18.71 -2.93
CA ALA C 129 6.16 -18.67 -2.03
C ALA C 129 7.43 -18.35 -2.82
N SER C 130 8.07 -17.22 -2.48
CA SER C 130 9.31 -16.82 -3.16
C SER C 130 10.41 -16.81 -2.14
N VAL C 131 11.49 -17.53 -2.44
CA VAL C 131 12.65 -17.57 -1.57
C VAL C 131 13.67 -16.64 -2.21
N VAL C 132 14.11 -15.62 -1.47
CA VAL C 132 15.01 -14.61 -1.99
C VAL C 132 16.42 -14.74 -1.46
N CYS C 133 17.40 -14.55 -2.33
CA CYS C 133 18.80 -14.62 -1.97
C CYS C 133 19.52 -13.37 -2.50
N PHE C 134 20.15 -12.59 -1.61
CA PHE C 134 20.91 -11.40 -2.01
C PHE C 134 22.40 -11.72 -1.96
N LEU C 135 23.12 -11.40 -3.01
CA LEU C 135 24.59 -11.58 -3.06
C LEU C 135 25.07 -10.15 -3.25
N ASN C 136 25.40 -9.46 -2.13
CA ASN C 136 25.73 -8.05 -2.21
C ASN C 136 27.22 -7.66 -2.14
N ASN C 137 27.51 -6.51 -2.78
CA ASN C 137 28.76 -5.79 -2.84
C ASN C 137 29.99 -6.66 -3.12
N PHE C 138 29.99 -7.35 -4.26
CA PHE C 138 31.10 -8.20 -4.65
C PHE C 138 31.84 -7.64 -5.89
N TYR C 139 33.08 -8.10 -6.10
CA TYR C 139 33.90 -7.72 -7.24
C TYR C 139 34.93 -8.82 -7.47
N PRO C 140 35.17 -9.30 -8.71
CA PRO C 140 34.59 -8.87 -10.00
C PRO C 140 33.13 -9.28 -10.25
N LYS C 141 32.57 -8.85 -11.39
CA LYS C 141 31.19 -9.05 -11.83
C LYS C 141 30.71 -10.51 -11.93
N ASP C 142 31.57 -11.42 -12.41
CA ASP C 142 31.16 -12.81 -12.61
C ASP C 142 30.88 -13.57 -11.32
N ILE C 143 29.70 -14.19 -11.26
CA ILE C 143 29.23 -14.93 -10.10
C ILE C 143 28.21 -15.99 -10.55
N ASN C 144 28.08 -17.05 -9.77
CA ASN C 144 27.13 -18.11 -10.07
C ASN C 144 26.28 -18.41 -8.83
N VAL C 145 24.98 -18.65 -9.02
CA VAL C 145 24.09 -18.98 -7.93
C VAL C 145 23.43 -20.32 -8.22
N LYS C 146 23.49 -21.25 -7.26
CA LYS C 146 22.84 -22.55 -7.40
C LYS C 146 21.77 -22.69 -6.33
N TRP C 147 20.57 -23.13 -6.73
CA TRP C 147 19.49 -23.34 -5.78
C TRP C 147 19.36 -24.82 -5.45
N LYS C 148 19.27 -25.12 -4.15
CA LYS C 148 19.14 -26.49 -3.69
C LYS C 148 17.98 -26.65 -2.71
N ILE C 149 17.06 -27.57 -3.03
CA ILE C 149 15.92 -27.88 -2.17
C ILE C 149 16.13 -29.29 -1.61
N ASP C 150 16.44 -29.37 -0.31
CA ASP C 150 16.75 -30.62 0.40
C ASP C 150 18.00 -31.33 -0.15
N GLY C 151 18.95 -30.54 -0.65
CA GLY C 151 20.19 -31.06 -1.20
C GLY C 151 20.20 -31.25 -2.70
N SER C 152 19.01 -31.28 -3.33
CA SER C 152 18.88 -31.47 -4.77
C SER C 152 18.83 -30.14 -5.54
N GLU C 153 19.51 -30.05 -6.69
CA GLU C 153 19.50 -28.85 -7.51
C GLU C 153 18.15 -28.59 -8.16
N ARG C 154 17.82 -27.31 -8.40
CA ARG C 154 16.60 -26.93 -9.09
C ARG C 154 16.89 -25.76 -10.01
N GLN C 155 16.48 -25.86 -11.28
CA GLN C 155 16.73 -24.81 -12.26
C GLN C 155 15.48 -24.00 -12.57
N ASN C 156 14.33 -24.68 -12.71
CA ASN C 156 13.07 -24.01 -13.03
C ASN C 156 12.53 -23.17 -11.88
N GLY C 157 11.94 -22.03 -12.23
CA GLY C 157 11.37 -21.09 -11.27
C GLY C 157 12.34 -20.06 -10.72
N VAL C 158 13.57 -20.02 -11.24
CA VAL C 158 14.59 -19.08 -10.77
C VAL C 158 14.73 -17.86 -11.67
N LEU C 159 14.59 -16.67 -11.09
CA LEU C 159 14.77 -15.43 -11.83
C LEU C 159 15.90 -14.66 -11.17
N ASN C 160 16.83 -14.15 -11.96
CA ASN C 160 17.98 -13.43 -11.44
C ASN C 160 17.99 -11.98 -11.88
N SER C 161 18.60 -11.11 -11.07
CA SER C 161 18.71 -9.70 -11.42
C SER C 161 20.04 -9.17 -10.93
N TRP C 162 20.71 -8.39 -11.78
CA TRP C 162 22.04 -7.85 -11.48
C TRP C 162 22.02 -6.33 -11.52
N THR C 163 22.62 -5.67 -10.52
CA THR C 163 22.73 -4.22 -10.54
C THR C 163 23.92 -3.80 -11.46
N ASP C 164 23.99 -2.52 -11.83
CA ASP C 164 25.12 -1.97 -12.55
C ASP C 164 26.25 -1.78 -11.51
N GLN C 165 27.49 -1.51 -11.97
CA GLN C 165 28.59 -1.25 -11.04
C GLN C 165 28.28 0.01 -10.21
N ASP C 166 28.43 -0.07 -8.89
CA ASP C 166 28.14 1.06 -8.01
C ASP C 166 29.10 2.22 -8.25
N SER C 167 28.57 3.43 -8.41
CA SER C 167 29.39 4.62 -8.66
C SER C 167 30.29 5.06 -7.50
N LYS C 168 30.00 4.60 -6.27
CA LYS C 168 30.79 5.01 -5.11
C LYS C 168 31.78 3.95 -4.64
N ASP C 169 31.39 2.66 -4.60
CA ASP C 169 32.31 1.63 -4.13
C ASP C 169 32.81 0.67 -5.23
N SER C 170 32.31 0.79 -6.48
CA SER C 170 32.70 -0.04 -7.63
C SER C 170 32.36 -1.52 -7.52
N THR C 171 31.45 -1.91 -6.63
CA THR C 171 31.03 -3.31 -6.48
C THR C 171 29.74 -3.58 -7.30
N TYR C 172 29.40 -4.86 -7.46
CA TYR C 172 28.17 -5.34 -8.09
C TYR C 172 27.33 -6.08 -7.04
N SER C 173 26.04 -6.20 -7.29
CA SER C 173 25.14 -6.96 -6.43
C SER C 173 24.19 -7.79 -7.31
N MET C 174 23.69 -8.89 -6.75
CA MET C 174 22.79 -9.76 -7.47
C MET C 174 21.65 -10.26 -6.57
N SER C 175 20.48 -10.41 -7.16
CA SER C 175 19.30 -10.93 -6.48
C SER C 175 18.91 -12.23 -7.19
N SER C 176 18.54 -13.24 -6.42
CA SER C 176 18.11 -14.51 -6.99
C SER C 176 16.83 -14.94 -6.28
N THR C 177 15.75 -15.15 -7.03
CA THR C 177 14.49 -15.55 -6.42
C THR C 177 13.97 -16.86 -6.97
N LEU C 178 13.67 -17.79 -6.08
CA LEU C 178 13.09 -19.07 -6.45
C LEU C 178 11.59 -18.99 -6.16
N THR C 179 10.76 -19.00 -7.22
CA THR C 179 9.31 -18.94 -7.02
C THR C 179 8.66 -20.31 -7.13
N LEU C 180 7.92 -20.69 -6.08
CA LEU C 180 7.20 -21.96 -5.95
C LEU C 180 5.74 -21.69 -5.56
N THR C 181 4.84 -22.66 -5.78
CA THR C 181 3.48 -22.55 -5.28
C THR C 181 3.54 -22.87 -3.77
N LYS C 182 2.53 -22.46 -3.01
CA LYS C 182 2.47 -22.72 -1.55
C LYS C 182 2.53 -24.22 -1.28
N ASP C 183 1.85 -25.02 -2.11
CA ASP C 183 1.85 -26.48 -2.00
C ASP C 183 3.26 -27.03 -2.20
N GLU C 184 3.95 -26.59 -3.28
CA GLU C 184 5.32 -27.03 -3.59
C GLU C 184 6.30 -26.71 -2.48
N TYR C 185 6.19 -25.50 -1.90
CA TYR C 185 7.04 -25.02 -0.82
C TYR C 185 6.86 -25.86 0.46
N GLU C 186 5.64 -26.35 0.70
CA GLU C 186 5.35 -27.12 1.90
C GLU C 186 5.73 -28.60 1.81
N ARG C 187 6.10 -29.11 0.62
CA ARG C 187 6.51 -30.52 0.49
C ARG C 187 7.91 -30.72 1.08
N HIS C 188 8.80 -29.73 0.91
CA HIS C 188 10.19 -29.80 1.36
C HIS C 188 10.45 -29.02 2.66
N ASN C 189 11.65 -29.17 3.25
CA ASN C 189 11.96 -28.48 4.50
C ASN C 189 13.17 -27.53 4.42
N SER C 190 14.27 -27.93 3.77
CA SER C 190 15.45 -27.07 3.70
C SER C 190 15.64 -26.37 2.34
N TYR C 191 16.01 -25.09 2.39
CA TYR C 191 16.21 -24.29 1.18
C TYR C 191 17.59 -23.65 1.20
N THR C 192 18.34 -23.78 0.10
CA THR C 192 19.71 -23.28 0.07
C THR C 192 20.12 -22.50 -1.19
N CYS C 193 20.79 -21.35 -1.01
CA CYS C 193 21.37 -20.63 -2.14
C CYS C 193 22.90 -20.67 -2.01
N GLU C 194 23.57 -21.23 -3.02
CA GLU C 194 25.02 -21.37 -3.05
C GLU C 194 25.66 -20.32 -3.95
N ALA C 195 26.66 -19.59 -3.45
CA ALA C 195 27.31 -18.52 -4.20
C ALA C 195 28.73 -18.85 -4.62
N THR C 196 28.97 -19.06 -5.92
CA THR C 196 30.31 -19.32 -6.42
C THR C 196 30.91 -18.05 -7.03
N HIS C 197 31.98 -17.55 -6.40
CA HIS C 197 32.72 -16.36 -6.80
C HIS C 197 34.23 -16.67 -6.87
N LYS C 198 35.02 -15.95 -7.68
CA LYS C 198 36.46 -16.21 -7.77
C LYS C 198 37.24 -15.90 -6.48
N THR C 199 36.65 -15.16 -5.53
CA THR C 199 37.30 -14.83 -4.27
C THR C 199 37.56 -16.05 -3.35
N SER C 200 36.97 -17.21 -3.67
CA SER C 200 37.16 -18.45 -2.93
C SER C 200 36.72 -19.67 -3.76
N THR C 201 37.42 -20.79 -3.58
CA THR C 201 37.09 -22.02 -4.30
C THR C 201 35.84 -22.69 -3.70
N SER C 202 35.58 -22.48 -2.39
CA SER C 202 34.42 -23.01 -1.70
C SER C 202 33.29 -22.00 -1.87
N PRO C 203 32.10 -22.45 -2.29
CA PRO C 203 30.98 -21.50 -2.42
C PRO C 203 30.42 -21.05 -1.08
N ILE C 204 29.83 -19.84 -1.04
CA ILE C 204 29.23 -19.34 0.20
C ILE C 204 27.82 -19.93 0.29
N VAL C 205 27.58 -20.76 1.31
CA VAL C 205 26.29 -21.42 1.44
C VAL C 205 25.39 -20.79 2.51
N LYS C 206 24.19 -20.36 2.11
CA LYS C 206 23.21 -19.81 3.04
C LYS C 206 21.95 -20.66 2.98
N SER C 207 21.46 -21.09 4.15
CA SER C 207 20.32 -21.98 4.22
C SER C 207 19.34 -21.62 5.34
N PHE C 208 18.13 -22.17 5.26
CA PHE C 208 17.11 -22.03 6.30
C PHE C 208 16.20 -23.25 6.28
N ASN C 209 15.58 -23.54 7.42
CA ASN C 209 14.65 -24.66 7.52
C ASN C 209 13.27 -24.11 7.77
N ARG C 210 12.29 -24.58 7.01
CA ARG C 210 10.90 -24.16 7.11
C ARG C 210 10.25 -24.72 8.38
N LYS D 293 -39.10 3.50 74.12
CA LYS D 293 -38.78 2.23 73.45
C LYS D 293 -37.61 2.37 72.48
N VAL D 294 -36.57 1.57 72.68
CA VAL D 294 -35.42 1.55 71.79
C VAL D 294 -35.80 0.75 70.52
N ILE D 295 -35.23 1.12 69.40
CA ILE D 295 -35.48 0.39 68.16
C ILE D 295 -34.26 -0.48 67.88
N HIS D 296 -34.49 -1.79 67.71
CA HIS D 296 -33.41 -2.69 67.39
C HIS D 296 -33.17 -2.55 65.90
N GLY D 297 -32.09 -1.87 65.58
CA GLY D 297 -31.78 -1.58 64.19
C GLY D 297 -30.71 -0.54 64.03
N CYS D 298 -30.60 0.01 62.82
CA CYS D 298 -29.49 0.88 62.50
C CYS D 298 -29.88 2.30 62.14
N ASN D 299 -29.22 3.26 62.77
CA ASN D 299 -29.38 4.66 62.41
C ASN D 299 -28.21 5.00 61.46
N PHE D 300 -28.53 5.23 60.21
CA PHE D 300 -27.53 5.59 59.20
C PHE D 300 -27.36 7.09 58.99
N SER D 301 -28.15 7.89 59.67
CA SER D 301 -28.16 9.32 59.54
C SER D 301 -27.17 10.00 60.47
N SER D 302 -26.90 11.29 60.20
CA SER D 302 -25.92 12.04 60.96
C SER D 302 -26.49 13.05 61.91
N ASN D 303 -27.81 13.20 61.98
CA ASN D 303 -28.36 14.20 62.89
C ASN D 303 -28.20 13.70 64.31
N VAL D 304 -27.59 14.51 65.18
CA VAL D 304 -27.38 14.11 66.56
C VAL D 304 -28.67 14.14 67.37
N SER D 305 -29.68 14.88 66.91
CA SER D 305 -30.97 14.93 67.56
C SER D 305 -32.01 14.16 66.74
N SER D 306 -32.74 13.30 67.43
CA SER D 306 -33.81 12.53 66.84
C SER D 306 -34.73 12.07 67.95
N LYS D 307 -36.02 11.88 67.64
CA LYS D 307 -36.94 11.33 68.64
C LYS D 307 -36.85 9.80 68.72
N HIS D 308 -36.08 9.16 67.82
CA HIS D 308 -35.88 7.72 67.76
C HIS D 308 -34.51 7.38 68.32
N THR D 309 -34.41 6.26 69.05
CA THR D 309 -33.14 5.78 69.57
C THR D 309 -32.94 4.39 69.00
N PHE D 310 -31.80 4.17 68.37
CA PHE D 310 -31.49 2.90 67.74
C PHE D 310 -30.42 2.19 68.54
N THR D 311 -30.46 0.85 68.57
CA THR D 311 -29.43 0.09 69.29
C THR D 311 -28.07 0.24 68.60
N ASP D 312 -28.07 0.44 67.26
CA ASP D 312 -26.83 0.52 66.49
C ASP D 312 -26.82 1.72 65.55
N SER D 313 -25.63 2.15 65.14
CA SER D 313 -25.54 3.28 64.21
C SER D 313 -24.30 3.17 63.33
N LEU D 314 -24.39 3.71 62.12
CA LEU D 314 -23.27 3.74 61.18
C LEU D 314 -23.52 4.95 60.31
N ASP D 315 -22.73 6.01 60.50
CA ASP D 315 -22.89 7.26 59.77
C ASP D 315 -22.41 7.09 58.35
N ILE D 316 -23.36 6.87 57.44
CA ILE D 316 -23.05 6.59 56.04
C ILE D 316 -22.31 7.74 55.38
N SER D 317 -22.58 9.00 55.79
CA SER D 317 -21.87 10.13 55.22
C SER D 317 -20.34 10.03 55.43
N LEU D 318 -19.88 9.18 56.39
CA LEU D 318 -18.44 9.04 56.66
C LEU D 318 -17.77 7.82 56.06
N VAL D 319 -18.56 6.89 55.52
CA VAL D 319 -17.95 5.74 54.88
C VAL D 319 -17.46 6.10 53.46
N ASP D 320 -16.56 5.27 52.90
CA ASP D 320 -15.96 5.58 51.61
C ASP D 320 -16.98 5.63 50.50
N ASP D 321 -16.71 6.44 49.47
CA ASP D 321 -17.51 6.41 48.24
C ASP D 321 -17.34 5.00 47.61
N SER D 322 -18.42 4.45 47.07
CA SER D 322 -18.44 3.14 46.40
C SER D 322 -18.31 1.95 47.36
N ALA D 323 -18.36 2.19 48.68
CA ALA D 323 -18.30 1.10 49.66
C ALA D 323 -19.72 0.63 50.06
N HIS D 324 -19.83 -0.57 50.65
CA HIS D 324 -21.10 -1.19 51.03
C HIS D 324 -20.81 -1.84 52.37
N ILE D 325 -21.15 -1.13 53.44
CA ILE D 325 -20.78 -1.54 54.79
C ILE D 325 -21.96 -2.15 55.53
N SER D 326 -21.76 -3.27 56.26
CA SER D 326 -22.88 -3.87 57.01
C SER D 326 -23.03 -3.31 58.41
N CYS D 327 -24.25 -3.40 58.93
CA CYS D 327 -24.61 -3.05 60.31
C CYS D 327 -25.51 -4.23 60.70
N ASN D 328 -25.03 -5.07 61.59
CA ASN D 328 -25.71 -6.33 61.92
C ASN D 328 -26.48 -6.27 63.22
N VAL D 329 -27.71 -6.74 63.18
CA VAL D 329 -28.63 -6.71 64.30
C VAL D 329 -29.12 -8.13 64.57
N HIS D 330 -29.07 -8.57 65.83
CA HIS D 330 -29.49 -9.92 66.19
C HIS D 330 -30.42 -9.89 67.38
N LEU D 331 -31.65 -10.37 67.20
CA LEU D 331 -32.67 -10.44 68.25
C LEU D 331 -32.75 -11.90 68.71
N SER D 332 -32.72 -12.12 70.03
CA SER D 332 -32.76 -13.49 70.55
C SER D 332 -33.53 -13.55 71.87
N GLU D 333 -34.83 -13.81 71.80
CA GLU D 333 -35.72 -13.91 72.96
C GLU D 333 -36.76 -15.01 72.72
N PRO D 334 -37.26 -15.66 73.78
CA PRO D 334 -38.34 -16.65 73.59
C PRO D 334 -39.59 -15.98 73.01
N LYS D 335 -39.91 -14.77 73.50
CA LYS D 335 -41.04 -13.98 73.04
C LYS D 335 -40.60 -12.53 72.88
N TYR D 336 -41.05 -11.89 71.82
CA TYR D 336 -40.68 -10.51 71.52
C TYR D 336 -41.81 -9.55 71.89
N ASN D 337 -41.44 -8.28 72.00
CA ASN D 337 -42.30 -7.10 72.14
C ASN D 337 -41.35 -6.00 71.70
N HIS D 338 -40.95 -6.07 70.41
CA HIS D 338 -39.87 -5.24 69.92
C HIS D 338 -40.20 -4.43 68.69
N LEU D 339 -39.48 -3.32 68.55
CA LEU D 339 -39.48 -2.48 67.36
C LEU D 339 -38.15 -2.77 66.65
N VAL D 340 -38.20 -2.96 65.33
CA VAL D 340 -37.03 -3.21 64.49
C VAL D 340 -37.11 -2.17 63.37
N GLY D 341 -35.98 -1.57 62.98
CA GLY D 341 -36.02 -0.59 61.92
C GLY D 341 -34.72 0.08 61.54
N LEU D 342 -34.85 1.11 60.72
CA LEU D 342 -33.68 1.87 60.32
C LEU D 342 -33.99 3.34 60.11
N ASN D 343 -32.95 4.16 60.04
CA ASN D 343 -33.10 5.58 59.73
C ASN D 343 -32.12 5.79 58.57
N CYS D 344 -32.63 6.19 57.41
CA CYS D 344 -31.80 6.36 56.22
C CYS D 344 -31.89 7.76 55.65
N PRO D 345 -30.74 8.43 55.41
CA PRO D 345 -30.80 9.78 54.84
C PRO D 345 -30.94 9.83 53.31
N GLY D 346 -31.08 8.68 52.66
CA GLY D 346 -31.26 8.63 51.21
C GLY D 346 -32.28 7.59 50.78
N ASP D 347 -31.95 6.81 49.75
CA ASP D 347 -32.87 5.80 49.22
C ASP D 347 -32.81 4.53 50.07
N ILE D 348 -33.97 3.95 50.32
CA ILE D 348 -34.05 2.68 51.04
C ILE D 348 -34.46 1.62 50.03
N ILE D 349 -33.78 0.45 50.03
CA ILE D 349 -34.03 -0.63 49.09
C ILE D 349 -34.13 -1.94 49.85
N PRO D 350 -35.20 -2.75 49.66
CA PRO D 350 -36.40 -2.48 48.86
C PRO D 350 -37.36 -1.56 49.65
N ASP D 351 -38.69 -1.68 49.49
CA ASP D 351 -39.64 -0.86 50.27
C ASP D 351 -39.75 -1.41 51.70
N CYS D 352 -38.69 -1.25 52.51
CA CYS D 352 -38.64 -1.74 53.88
C CYS D 352 -39.67 -1.01 54.75
N PHE D 353 -40.34 -1.69 55.70
CA PHE D 353 -40.17 -3.12 55.98
C PHE D 353 -41.29 -4.00 55.46
N PHE D 354 -42.27 -3.44 54.71
CA PHE D 354 -43.29 -4.28 54.09
C PHE D 354 -42.62 -5.33 53.14
N GLN D 355 -41.57 -4.90 52.46
CA GLN D 355 -40.74 -5.79 51.67
C GLN D 355 -39.32 -5.72 52.21
N VAL D 356 -38.63 -6.85 52.17
CA VAL D 356 -37.24 -6.94 52.63
C VAL D 356 -36.44 -7.78 51.60
N TYR D 357 -35.13 -7.82 51.76
CA TYR D 357 -34.24 -8.52 50.87
C TYR D 357 -33.77 -9.80 51.58
N GLN D 358 -33.79 -10.93 50.89
CA GLN D 358 -33.39 -12.22 51.47
C GLN D 358 -31.93 -12.20 51.95
N PRO D 359 -31.58 -13.04 52.93
CA PRO D 359 -30.19 -13.15 53.33
C PRO D 359 -29.31 -13.70 52.19
N GLU D 360 -28.01 -13.44 52.32
CA GLU D 360 -27.02 -13.89 51.36
C GLU D 360 -26.91 -15.41 51.35
N SER D 361 -26.88 -15.99 50.15
CA SER D 361 -26.71 -17.42 50.01
C SER D 361 -25.26 -17.83 50.35
N GLU D 362 -25.09 -19.06 50.85
CA GLU D 362 -23.77 -19.62 51.09
C GLU D 362 -23.06 -19.94 49.76
N GLU D 363 -23.80 -20.21 48.72
CA GLU D 363 -23.24 -20.56 47.41
C GLU D 363 -23.47 -19.44 46.38
N LEU D 364 -23.35 -19.72 45.08
CA LEU D 364 -23.54 -18.70 44.06
C LEU D 364 -25.02 -18.76 43.63
N GLU D 365 -25.87 -18.18 44.46
CA GLU D 365 -27.33 -18.16 44.26
C GLU D 365 -27.86 -16.76 44.54
N PRO D 366 -28.90 -16.36 43.83
CA PRO D 366 -29.45 -15.02 44.06
C PRO D 366 -30.21 -14.87 45.38
N SER D 367 -30.37 -13.62 45.83
CA SER D 367 -31.20 -13.23 46.95
C SER D 367 -32.30 -12.35 46.34
N ASN D 368 -33.55 -12.64 46.67
CA ASN D 368 -34.70 -11.93 46.12
C ASN D 368 -35.33 -10.93 47.11
N ILE D 369 -36.18 -10.07 46.58
CA ILE D 369 -36.99 -9.18 47.40
C ILE D 369 -38.25 -9.99 47.71
N VAL D 370 -38.62 -10.05 48.99
CA VAL D 370 -39.81 -10.80 49.46
C VAL D 370 -40.65 -9.93 50.42
N TYR D 371 -41.90 -10.37 50.71
CA TYR D 371 -42.73 -9.67 51.71
C TYR D 371 -42.26 -10.10 53.11
N LEU D 372 -42.10 -9.15 54.03
CA LEU D 372 -41.68 -9.48 55.40
C LEU D 372 -42.68 -10.44 56.08
N ASP D 373 -44.00 -10.27 55.83
CA ASP D 373 -45.07 -11.10 56.41
C ASP D 373 -44.79 -12.58 56.15
N SER D 374 -44.38 -12.93 54.92
CA SER D 374 -44.09 -14.31 54.58
C SER D 374 -42.68 -14.75 55.00
N GLN D 375 -41.73 -13.79 55.08
CA GLN D 375 -40.35 -14.09 55.48
C GLN D 375 -40.28 -14.52 56.94
N ILE D 376 -40.85 -13.75 57.86
CA ILE D 376 -40.82 -14.12 59.29
C ILE D 376 -42.04 -14.98 59.70
N ASN D 377 -43.07 -15.07 58.84
CA ASN D 377 -44.25 -15.92 58.99
C ASN D 377 -45.05 -15.68 60.27
N ILE D 378 -45.44 -14.42 60.49
CA ILE D 378 -46.35 -14.00 61.56
C ILE D 378 -47.36 -13.02 60.90
N GLY D 379 -48.64 -13.13 61.29
CA GLY D 379 -49.69 -12.37 60.65
C GLY D 379 -50.13 -11.04 61.23
N ASP D 380 -49.55 -10.62 62.37
CA ASP D 380 -49.96 -9.36 63.00
C ASP D 380 -48.85 -8.31 63.08
N ILE D 381 -47.97 -8.24 62.07
CA ILE D 381 -46.89 -7.23 62.09
C ILE D 381 -47.46 -5.83 61.96
N GLU D 382 -46.96 -4.89 62.78
CA GLU D 382 -47.33 -3.50 62.70
C GLU D 382 -46.23 -2.75 61.97
N TYR D 383 -46.57 -1.84 61.06
CA TYR D 383 -45.57 -1.08 60.31
C TYR D 383 -45.72 0.38 60.68
N TYR D 384 -44.58 1.08 60.73
CA TYR D 384 -44.54 2.49 61.07
C TYR D 384 -43.54 3.21 60.19
N GLU D 385 -43.83 4.49 59.88
CA GLU D 385 -42.89 5.31 59.12
C GLU D 385 -42.85 6.69 59.72
N ASP D 386 -41.71 7.35 59.60
CA ASP D 386 -41.55 8.73 60.06
C ASP D 386 -40.52 9.41 59.16
N ALA D 387 -40.46 10.75 59.24
CA ALA D 387 -39.48 11.51 58.50
C ALA D 387 -39.01 12.68 59.35
N GLU D 388 -37.70 12.92 59.36
CA GLU D 388 -37.10 14.04 60.10
C GLU D 388 -36.21 14.74 59.10
N GLY D 389 -36.72 15.77 58.47
CA GLY D 389 -35.98 16.46 57.41
C GLY D 389 -35.85 15.55 56.21
N ASP D 390 -34.61 15.27 55.76
CA ASP D 390 -34.40 14.32 54.66
C ASP D 390 -34.21 12.86 55.15
N ASP D 391 -34.25 12.63 56.47
CA ASP D 391 -34.12 11.30 57.04
C ASP D 391 -35.42 10.53 57.03
N LYS D 392 -35.39 9.27 56.61
CA LYS D 392 -36.59 8.45 56.57
C LYS D 392 -36.43 7.29 57.54
N ILE D 393 -37.38 7.19 58.46
CA ILE D 393 -37.40 6.13 59.46
C ILE D 393 -38.48 5.11 59.07
N LYS D 394 -38.12 3.82 58.99
CA LYS D 394 -39.06 2.74 58.66
C LYS D 394 -38.90 1.73 59.78
N LEU D 395 -40.00 1.31 60.38
CA LEU D 395 -39.98 0.37 61.49
C LEU D 395 -41.06 -0.68 61.29
N PHE D 396 -40.92 -1.78 62.04
CA PHE D 396 -41.96 -2.77 62.21
C PHE D 396 -41.94 -3.23 63.67
N GLY D 397 -43.10 -3.66 64.14
CA GLY D 397 -43.26 -4.13 65.51
C GLY D 397 -43.62 -5.59 65.50
N ILE D 398 -42.94 -6.37 66.35
CA ILE D 398 -43.14 -7.81 66.46
C ILE D 398 -43.51 -8.16 67.92
N VAL D 399 -44.61 -8.90 68.12
CA VAL D 399 -45.05 -9.31 69.45
C VAL D 399 -45.26 -10.83 69.44
N GLY D 400 -44.65 -11.53 70.39
CA GLY D 400 -44.77 -12.98 70.48
C GLY D 400 -43.59 -13.73 69.92
N SER D 401 -43.73 -15.03 69.72
CA SER D 401 -42.65 -15.86 69.19
C SER D 401 -42.65 -15.87 67.66
N ILE D 402 -41.56 -16.32 67.06
CA ILE D 402 -41.44 -16.48 65.60
C ILE D 402 -41.32 -17.99 65.34
N PRO D 403 -42.06 -18.57 64.37
CA PRO D 403 -42.00 -20.04 64.18
C PRO D 403 -40.62 -20.62 63.90
N LYS D 404 -39.80 -19.87 63.16
CA LYS D 404 -38.48 -20.33 62.76
C LYS D 404 -37.50 -19.15 62.73
N THR D 405 -36.22 -19.40 63.06
CA THR D 405 -35.17 -18.38 63.02
C THR D 405 -35.04 -17.87 61.57
N THR D 406 -35.04 -16.55 61.39
CA THR D 406 -35.03 -15.97 60.06
C THR D 406 -34.11 -14.78 59.99
N SER D 407 -33.60 -14.50 58.79
CA SER D 407 -32.76 -13.35 58.52
C SER D 407 -33.29 -12.60 57.30
N PHE D 408 -32.92 -11.32 57.19
CA PHE D 408 -33.31 -10.48 56.06
C PHE D 408 -32.47 -9.20 56.11
N THR D 409 -32.54 -8.42 55.04
CA THR D 409 -31.72 -7.24 54.91
C THR D 409 -32.48 -6.06 54.36
N CYS D 410 -32.00 -4.85 54.69
CA CYS D 410 -32.48 -3.63 54.12
C CYS D 410 -31.26 -2.77 53.76
N ILE D 411 -31.27 -2.17 52.57
CA ILE D 411 -30.16 -1.37 52.07
C ILE D 411 -30.48 0.15 52.17
N CYS D 412 -29.48 0.92 52.59
CA CYS D 412 -29.60 2.37 52.67
C CYS D 412 -28.50 2.94 51.80
N LYS D 413 -28.83 3.94 50.98
CA LYS D 413 -27.85 4.49 50.09
C LYS D 413 -28.01 6.03 50.00
N LYS D 414 -26.90 6.76 49.99
CA LYS D 414 -26.97 8.20 49.87
C LYS D 414 -25.86 8.62 48.97
N ASP D 415 -26.20 9.06 47.74
CA ASP D 415 -25.18 9.48 46.79
C ASP D 415 -24.24 8.28 46.46
N LYS D 416 -22.91 8.40 46.67
CA LYS D 416 -21.99 7.28 46.42
C LYS D 416 -21.78 6.39 47.65
N LYS D 417 -22.45 6.68 48.76
CA LYS D 417 -22.30 5.95 50.01
C LYS D 417 -23.39 4.90 50.16
N SER D 418 -23.05 3.73 50.71
CA SER D 418 -24.07 2.70 50.95
C SER D 418 -23.74 1.85 52.14
N ALA D 419 -24.78 1.49 52.83
CA ALA D 419 -24.67 0.57 53.96
C ALA D 419 -25.90 -0.35 53.96
N TYR D 420 -25.81 -1.48 54.66
CA TYR D 420 -26.95 -2.39 54.71
C TYR D 420 -27.11 -2.99 56.07
N MET D 421 -28.34 -3.11 56.51
CA MET D 421 -28.65 -3.68 57.81
C MET D 421 -29.06 -5.13 57.62
N THR D 422 -28.39 -6.05 58.33
CA THR D 422 -28.82 -7.46 58.30
C THR D 422 -29.46 -7.71 59.66
N VAL D 423 -30.58 -8.40 59.68
CA VAL D 423 -31.32 -8.69 60.88
C VAL D 423 -31.47 -10.19 61.01
N THR D 424 -31.30 -10.74 62.21
CA THR D 424 -31.59 -12.14 62.47
C THR D 424 -32.53 -12.15 63.68
N ILE D 425 -33.62 -12.90 63.60
CA ILE D 425 -34.57 -13.01 64.72
C ILE D 425 -34.69 -14.50 65.03
N ASP D 426 -34.30 -14.90 66.25
CA ASP D 426 -34.34 -16.30 66.64
C ASP D 426 -35.68 -16.78 67.14
N SER D 427 -36.00 -18.02 66.84
CA SER D 427 -37.19 -18.68 67.37
C SER D 427 -36.83 -19.19 68.80
N ALA D 428 -37.83 -19.63 69.57
CA ALA D 428 -37.63 -20.13 70.93
C ALA D 428 -36.92 -21.49 70.95
N ASP E 1 -9.98 5.56 43.51
CA ASP E 1 -11.00 5.23 42.52
C ASP E 1 -11.01 3.74 42.26
N VAL E 2 -12.21 3.15 42.14
CA VAL E 2 -12.37 1.75 41.81
C VAL E 2 -11.93 1.57 40.36
N LYS E 3 -11.12 0.53 40.07
CA LYS E 3 -10.68 0.29 38.72
C LYS E 3 -10.62 -1.22 38.47
N LEU E 4 -11.00 -1.63 37.25
CA LEU E 4 -10.95 -3.03 36.80
C LEU E 4 -10.32 -2.98 35.44
N VAL E 5 -9.20 -3.71 35.25
CA VAL E 5 -8.47 -3.68 33.99
C VAL E 5 -8.29 -5.09 33.46
N GLU E 6 -8.99 -5.42 32.38
CA GLU E 6 -8.90 -6.74 31.76
C GLU E 6 -7.71 -6.81 30.80
N SER E 7 -7.16 -8.00 30.63
CA SER E 7 -6.07 -8.26 29.71
C SER E 7 -6.14 -9.73 29.29
N GLY E 8 -5.34 -10.08 28.28
CA GLY E 8 -5.26 -11.46 27.84
C GLY E 8 -6.00 -11.77 26.56
N GLY E 9 -6.86 -10.86 26.10
CA GLY E 9 -7.62 -11.07 24.89
C GLY E 9 -6.72 -11.16 23.67
N GLY E 10 -7.22 -11.80 22.62
CA GLY E 10 -6.47 -11.95 21.39
C GLY E 10 -7.15 -12.88 20.43
N LEU E 11 -6.39 -13.37 19.46
CA LEU E 11 -6.88 -14.27 18.43
C LEU E 11 -6.52 -15.69 18.82
N VAL E 12 -7.52 -16.58 18.78
CA VAL E 12 -7.34 -17.99 19.14
C VAL E 12 -7.95 -18.83 18.04
N LYS E 13 -7.28 -19.94 17.67
CA LYS E 13 -7.82 -20.84 16.65
C LYS E 13 -9.02 -21.60 17.20
N LEU E 14 -9.84 -22.16 16.30
CA LEU E 14 -11.00 -22.98 16.71
C LEU E 14 -10.52 -24.17 17.55
N GLY E 15 -11.18 -24.40 18.68
CA GLY E 15 -10.80 -25.46 19.61
C GLY E 15 -9.68 -25.07 20.58
N GLY E 16 -9.11 -23.89 20.39
CA GLY E 16 -8.03 -23.42 21.23
C GLY E 16 -8.38 -23.01 22.66
N SER E 17 -7.37 -22.61 23.41
CA SER E 17 -7.51 -22.20 24.80
C SER E 17 -6.91 -20.82 25.00
N LEU E 18 -7.41 -20.07 26.00
CA LEU E 18 -6.88 -18.76 26.31
C LEU E 18 -7.23 -18.38 27.74
N LYS E 19 -6.34 -17.63 28.42
CA LYS E 19 -6.61 -17.19 29.77
C LYS E 19 -6.76 -15.68 29.81
N LEU E 20 -7.88 -15.19 30.37
CA LEU E 20 -8.12 -13.78 30.56
C LEU E 20 -7.82 -13.43 32.01
N SER E 21 -7.45 -12.17 32.25
CA SER E 21 -7.14 -11.72 33.59
C SER E 21 -7.73 -10.34 33.81
N CYS E 22 -8.00 -9.99 35.06
CA CYS E 22 -8.54 -8.70 35.41
C CYS E 22 -7.81 -8.24 36.68
N ALA E 23 -7.25 -7.04 36.64
CA ALA E 23 -6.54 -6.49 37.78
C ALA E 23 -7.49 -5.49 38.46
N ALA E 24 -7.80 -5.71 39.74
CA ALA E 24 -8.69 -4.83 40.47
C ALA E 24 -7.91 -3.92 41.41
N SER E 25 -8.30 -2.65 41.54
CA SER E 25 -7.62 -1.73 42.47
C SER E 25 -8.59 -0.69 43.03
N GLY E 26 -8.24 -0.07 44.15
CA GLY E 26 -9.05 1.01 44.70
C GLY E 26 -10.23 0.61 45.55
N PHE E 27 -10.30 -0.67 45.94
CA PHE E 27 -11.39 -1.15 46.79
C PHE E 27 -10.96 -2.47 47.46
N THR E 28 -11.72 -2.93 48.47
CA THR E 28 -11.44 -4.21 49.11
C THR E 28 -12.02 -5.28 48.22
N PHE E 29 -11.16 -5.80 47.35
CA PHE E 29 -11.52 -6.79 46.34
C PHE E 29 -12.25 -8.00 46.90
N SER E 30 -11.74 -8.54 48.03
CA SER E 30 -12.31 -9.74 48.68
C SER E 30 -13.72 -9.54 49.25
N SER E 31 -14.26 -8.31 49.24
CA SER E 31 -15.63 -8.09 49.72
C SER E 31 -16.68 -8.23 48.59
N TYR E 32 -16.24 -8.31 47.33
CA TYR E 32 -17.16 -8.30 46.20
C TYR E 32 -17.19 -9.59 45.43
N TYR E 33 -18.37 -9.93 44.89
CA TYR E 33 -18.55 -11.02 43.94
C TYR E 33 -17.99 -10.48 42.60
N MET E 34 -17.40 -11.35 41.77
CA MET E 34 -16.82 -10.89 40.51
C MET E 34 -17.36 -11.74 39.38
N SER E 35 -17.51 -11.14 38.20
CA SER E 35 -18.02 -11.89 37.08
C SER E 35 -17.32 -11.50 35.78
N TRP E 36 -17.39 -12.42 34.80
CA TRP E 36 -17.01 -12.12 33.45
C TRP E 36 -18.36 -12.04 32.68
N VAL E 37 -18.63 -10.90 32.03
CA VAL E 37 -19.84 -10.69 31.25
C VAL E 37 -19.36 -10.35 29.83
N ARG E 38 -19.84 -11.09 28.82
CA ARG E 38 -19.38 -10.81 27.46
C ARG E 38 -20.41 -10.08 26.63
N GLN E 39 -19.93 -9.31 25.67
CA GLN E 39 -20.81 -8.60 24.75
C GLN E 39 -20.52 -9.11 23.34
N THR E 40 -21.49 -9.77 22.76
CA THR E 40 -21.38 -10.35 21.44
C THR E 40 -21.38 -9.28 20.35
N PRO E 41 -20.98 -9.63 19.11
CA PRO E 41 -21.03 -8.65 18.00
C PRO E 41 -22.43 -8.06 17.75
N GLU E 42 -23.51 -8.77 18.12
CA GLU E 42 -24.87 -8.25 18.01
C GLU E 42 -25.32 -7.37 19.24
N LYS E 43 -24.36 -7.08 20.15
CA LYS E 43 -24.49 -6.23 21.33
C LYS E 43 -25.30 -6.86 22.48
N ARG E 44 -25.46 -8.19 22.48
CA ARG E 44 -26.13 -8.87 23.58
C ARG E 44 -25.11 -9.04 24.71
N LEU E 45 -25.57 -8.91 25.96
CA LEU E 45 -24.76 -9.09 27.14
C LEU E 45 -25.10 -10.45 27.75
N GLU E 46 -24.08 -11.25 28.06
CA GLU E 46 -24.30 -12.58 28.63
C GLU E 46 -23.33 -12.80 29.74
N LEU E 47 -23.81 -13.32 30.88
CA LEU E 47 -22.91 -13.70 31.96
C LEU E 47 -22.18 -14.97 31.48
N VAL E 48 -20.87 -15.03 31.69
CA VAL E 48 -20.04 -16.17 31.33
C VAL E 48 -19.71 -16.98 32.60
N ALA E 49 -19.36 -16.27 33.68
CA ALA E 49 -18.93 -16.95 34.91
C ALA E 49 -19.01 -15.99 36.07
N ALA E 50 -19.41 -16.48 37.24
CA ALA E 50 -19.48 -15.67 38.44
C ALA E 50 -18.76 -16.39 39.57
N ILE E 51 -18.16 -15.62 40.48
CA ILE E 51 -17.48 -16.19 41.62
C ILE E 51 -17.79 -15.34 42.86
N ASN E 52 -17.99 -15.99 44.01
CA ASN E 52 -18.29 -15.25 45.24
C ASN E 52 -17.01 -14.57 45.81
N ASN E 53 -17.19 -13.78 46.84
CA ASN E 53 -16.15 -12.96 47.46
C ASN E 53 -14.93 -13.76 47.92
N ASN E 54 -15.12 -14.97 48.50
CA ASN E 54 -13.97 -15.76 48.96
C ASN E 54 -13.45 -16.78 47.95
N GLY E 55 -14.08 -16.91 46.80
CA GLY E 55 -13.65 -17.88 45.78
C GLY E 55 -14.14 -19.30 45.96
N GLY E 56 -14.92 -19.55 47.00
CA GLY E 56 -15.42 -20.89 47.28
C GLY E 56 -16.57 -21.36 46.40
N SER E 57 -17.32 -20.43 45.80
CA SER E 57 -18.47 -20.80 44.97
C SER E 57 -18.41 -20.14 43.64
N THR E 58 -18.75 -20.88 42.60
CA THR E 58 -18.77 -20.36 41.24
C THR E 58 -20.06 -20.77 40.54
N TYR E 59 -20.36 -20.10 39.41
CA TYR E 59 -21.50 -20.47 38.61
C TYR E 59 -21.17 -20.23 37.14
N TYR E 60 -21.61 -21.15 36.27
CA TYR E 60 -21.46 -21.00 34.84
C TYR E 60 -22.78 -21.34 34.19
N PRO E 61 -23.25 -20.52 33.25
CA PRO E 61 -24.43 -20.92 32.47
C PRO E 61 -24.06 -22.09 31.55
N ASP E 62 -25.06 -22.81 31.08
CA ASP E 62 -24.85 -24.00 30.23
C ASP E 62 -24.11 -23.75 28.91
N THR E 63 -24.04 -22.50 28.46
CA THR E 63 -23.32 -22.15 27.23
C THR E 63 -21.80 -22.37 27.32
N VAL E 64 -21.22 -22.24 28.52
CA VAL E 64 -19.77 -22.34 28.75
C VAL E 64 -19.39 -23.36 29.83
N LYS E 65 -20.36 -23.89 30.60
CA LYS E 65 -20.08 -24.84 31.67
C LYS E 65 -19.27 -26.07 31.15
N GLY E 66 -18.23 -26.44 31.88
CA GLY E 66 -17.34 -27.53 31.48
C GLY E 66 -16.14 -27.05 30.69
N ARG E 67 -16.28 -25.91 29.96
CA ARG E 67 -15.21 -25.38 29.12
C ARG E 67 -14.42 -24.26 29.81
N PHE E 68 -15.12 -23.41 30.59
CA PHE E 68 -14.52 -22.25 31.24
C PHE E 68 -14.38 -22.45 32.75
N THR E 69 -13.33 -21.84 33.34
CA THR E 69 -13.09 -21.88 34.79
C THR E 69 -12.74 -20.48 35.28
N ILE E 70 -13.51 -19.96 36.24
CA ILE E 70 -13.24 -18.65 36.83
C ILE E 70 -12.54 -18.88 38.18
N SER E 71 -11.56 -18.04 38.48
CA SER E 71 -10.84 -18.11 39.74
C SER E 71 -10.40 -16.73 40.15
N ARG E 72 -10.07 -16.56 41.43
CA ARG E 72 -9.59 -15.29 41.93
C ARG E 72 -8.46 -15.49 42.93
N ASP E 73 -7.65 -14.44 43.07
CA ASP E 73 -6.59 -14.43 44.05
C ASP E 73 -6.76 -13.15 44.84
N ASN E 74 -7.29 -13.27 46.08
CA ASN E 74 -7.55 -12.09 46.92
C ASN E 74 -6.30 -11.44 47.49
N ALA E 75 -5.16 -12.11 47.39
CA ALA E 75 -3.90 -11.51 47.80
C ALA E 75 -3.37 -10.62 46.68
N LYS E 76 -3.55 -11.01 45.42
CA LYS E 76 -3.06 -10.25 44.28
C LYS E 76 -4.12 -9.31 43.67
N ASN E 77 -5.39 -9.43 44.11
CA ASN E 77 -6.51 -8.65 43.58
C ASN E 77 -6.71 -8.92 42.07
N THR E 78 -6.68 -10.19 41.71
CA THR E 78 -6.84 -10.59 40.33
C THR E 78 -7.96 -11.57 40.17
N LEU E 79 -8.61 -11.50 39.03
CA LEU E 79 -9.68 -12.41 38.62
C LEU E 79 -9.19 -13.05 37.32
N ASN E 80 -9.38 -14.35 37.16
CA ASN E 80 -8.92 -15.04 35.95
C ASN E 80 -10.06 -15.81 35.31
N LEU E 81 -9.98 -15.99 34.00
CA LEU E 81 -10.94 -16.82 33.28
C LEU E 81 -10.14 -17.74 32.35
N GLN E 82 -10.10 -19.05 32.65
CA GLN E 82 -9.42 -20.01 31.78
C GLN E 82 -10.49 -20.55 30.82
N MET E 83 -10.28 -20.36 29.50
CA MET E 83 -11.25 -20.79 28.50
C MET E 83 -10.67 -21.90 27.66
N ASN E 84 -11.34 -23.04 27.61
CA ASN E 84 -10.89 -24.16 26.79
C ASN E 84 -11.92 -24.50 25.72
N SER E 85 -11.52 -25.31 24.71
CA SER E 85 -12.38 -25.75 23.60
C SER E 85 -13.19 -24.60 23.01
N LEU E 86 -12.48 -23.50 22.69
CA LEU E 86 -13.12 -22.29 22.19
C LEU E 86 -13.85 -22.48 20.86
N LYS E 87 -15.02 -21.89 20.77
CA LYS E 87 -15.85 -21.97 19.59
C LYS E 87 -15.95 -20.58 18.94
N SER E 88 -16.35 -20.54 17.68
CA SER E 88 -16.59 -19.30 16.95
C SER E 88 -17.58 -18.38 17.70
N GLU E 89 -18.63 -18.97 18.32
CA GLU E 89 -19.66 -18.22 19.07
C GLU E 89 -19.15 -17.59 20.37
N ASP E 90 -17.92 -17.94 20.81
CA ASP E 90 -17.32 -17.33 21.98
C ASP E 90 -16.66 -15.97 21.65
N THR E 91 -16.58 -15.57 20.35
CA THR E 91 -16.01 -14.29 19.91
C THR E 91 -16.88 -13.18 20.51
N ALA E 92 -16.28 -12.36 21.36
CA ALA E 92 -17.00 -11.31 22.07
C ALA E 92 -15.99 -10.37 22.77
N LEU E 93 -16.49 -9.25 23.30
CA LEU E 93 -15.71 -8.36 24.14
C LEU E 93 -16.02 -8.86 25.58
N TYR E 94 -14.99 -9.22 26.35
CA TYR E 94 -15.18 -9.77 27.69
C TYR E 94 -14.92 -8.72 28.74
N TYR E 95 -15.93 -8.42 29.56
CA TYR E 95 -15.81 -7.47 30.64
C TYR E 95 -15.68 -8.18 31.96
N CYS E 96 -14.88 -7.59 32.83
CA CYS E 96 -14.69 -7.91 34.22
C CYS E 96 -15.64 -6.91 34.95
N THR E 97 -16.50 -7.39 35.86
CA THR E 97 -17.43 -6.48 36.57
C THR E 97 -17.70 -7.01 37.98
N ARG E 98 -18.00 -6.12 38.92
CA ARG E 98 -18.21 -6.51 40.30
C ARG E 98 -19.66 -6.32 40.74
N GLN E 99 -20.00 -6.99 41.85
CA GLN E 99 -21.30 -6.90 42.50
C GLN E 99 -21.06 -7.07 43.99
N HIS E 100 -21.99 -6.63 44.81
CA HIS E 100 -21.94 -6.85 46.23
C HIS E 100 -23.28 -7.44 46.64
N TYR E 101 -23.29 -8.32 47.66
CA TYR E 101 -24.55 -8.80 48.22
C TYR E 101 -25.39 -7.56 48.70
N GLY E 102 -24.70 -6.63 49.40
CA GLY E 102 -25.26 -5.40 49.97
C GLY E 102 -25.63 -4.28 49.04
N ASN E 103 -25.41 -4.44 47.73
CA ASN E 103 -25.95 -3.49 46.75
C ASN E 103 -27.04 -4.20 45.88
N LEU E 104 -27.53 -5.37 46.32
CA LEU E 104 -28.52 -6.18 45.60
C LEU E 104 -27.95 -6.69 44.28
N TYR E 105 -26.66 -7.05 44.28
CA TYR E 105 -25.98 -7.62 43.14
C TYR E 105 -26.10 -6.74 41.89
N PHE E 106 -25.79 -5.46 42.04
CA PHE E 106 -25.82 -4.47 40.99
C PHE E 106 -24.39 -4.35 40.42
N PHE E 107 -24.22 -4.43 39.09
CA PHE E 107 -22.89 -4.35 38.48
C PHE E 107 -22.49 -2.87 38.44
N ASP E 108 -21.93 -2.35 39.54
CA ASP E 108 -21.70 -0.92 39.64
C ASP E 108 -20.37 -0.43 39.04
N TYR E 109 -19.44 -1.35 38.72
CA TYR E 109 -18.19 -1.03 38.05
C TYR E 109 -17.89 -2.10 37.05
N TRP E 110 -17.44 -1.67 35.87
CA TRP E 110 -17.10 -2.58 34.79
C TRP E 110 -15.74 -2.12 34.22
N GLY E 111 -14.92 -3.04 33.75
CA GLY E 111 -13.68 -2.66 33.08
C GLY E 111 -13.97 -2.21 31.65
N GLN E 112 -12.94 -1.85 30.87
CA GLN E 112 -13.15 -1.46 29.46
C GLN E 112 -13.35 -2.68 28.51
N GLY E 113 -12.97 -3.86 28.98
CA GLY E 113 -13.14 -5.10 28.25
C GLY E 113 -11.89 -5.55 27.52
N THR E 114 -11.80 -6.84 27.24
CA THR E 114 -10.71 -7.41 26.45
C THR E 114 -11.35 -8.25 25.33
N THR E 115 -10.91 -8.05 24.08
CA THR E 115 -11.52 -8.74 22.94
C THR E 115 -11.01 -10.15 22.70
N LEU E 116 -11.93 -11.11 22.51
CA LEU E 116 -11.58 -12.48 22.16
C LEU E 116 -12.09 -12.74 20.74
N THR E 117 -11.23 -13.19 19.83
CA THR E 117 -11.65 -13.52 18.47
C THR E 117 -11.29 -14.98 18.24
N VAL E 118 -12.29 -15.83 18.07
CA VAL E 118 -12.06 -17.25 17.83
C VAL E 118 -12.24 -17.52 16.36
N SER E 119 -11.14 -17.87 15.69
CA SER E 119 -11.15 -18.11 14.27
C SER E 119 -9.88 -18.83 13.86
N SER E 120 -9.98 -19.68 12.87
CA SER E 120 -8.79 -20.35 12.33
C SER E 120 -8.20 -19.60 11.09
N ALA E 121 -8.73 -18.40 10.77
CA ALA E 121 -8.23 -17.58 9.66
C ALA E 121 -6.82 -17.07 9.94
N LYS E 122 -6.03 -16.89 8.89
CA LYS E 122 -4.65 -16.42 9.03
C LYS E 122 -4.60 -14.90 8.87
N THR E 123 -3.54 -14.27 9.41
CA THR E 123 -3.37 -12.82 9.26
C THR E 123 -3.15 -12.52 7.76
N THR E 124 -4.00 -11.68 7.20
CA THR E 124 -3.98 -11.35 5.78
C THR E 124 -4.05 -9.85 5.60
N PRO E 125 -3.16 -9.26 4.77
CA PRO E 125 -3.24 -7.82 4.53
C PRO E 125 -4.44 -7.46 3.63
N PRO E 126 -4.93 -6.21 3.72
CA PRO E 126 -6.08 -5.84 2.87
C PRO E 126 -5.71 -5.44 1.45
N SER E 127 -6.67 -5.56 0.55
CA SER E 127 -6.57 -5.07 -0.82
C SER E 127 -7.35 -3.75 -0.80
N VAL E 128 -6.73 -2.65 -1.27
CA VAL E 128 -7.38 -1.36 -1.26
C VAL E 128 -7.79 -0.95 -2.67
N TYR E 129 -9.10 -0.84 -2.91
CA TYR E 129 -9.60 -0.52 -4.24
C TYR E 129 -10.26 0.86 -4.26
N PRO E 130 -9.94 1.69 -5.26
CA PRO E 130 -10.56 3.01 -5.34
C PRO E 130 -12.01 2.98 -5.82
N LEU E 131 -12.84 3.87 -5.29
CA LEU E 131 -14.23 3.97 -5.71
C LEU E 131 -14.43 5.33 -6.38
N ALA E 132 -14.46 5.34 -7.71
CA ALA E 132 -14.63 6.57 -8.49
C ALA E 132 -15.94 6.50 -9.32
N PRO E 133 -16.59 7.65 -9.58
CA PRO E 133 -17.83 7.62 -10.38
C PRO E 133 -17.57 7.12 -11.81
N ASN E 140 -23.25 17.64 -11.03
CA ASN E 140 -23.59 17.72 -9.60
C ASN E 140 -22.69 18.67 -8.83
N SER E 141 -23.23 19.28 -7.76
CA SER E 141 -22.46 20.22 -6.94
C SER E 141 -21.46 19.49 -6.04
N MET E 142 -21.84 18.31 -5.53
CA MET E 142 -20.96 17.55 -4.66
C MET E 142 -20.63 16.19 -5.26
N VAL E 143 -19.40 15.73 -5.07
CA VAL E 143 -18.99 14.42 -5.57
C VAL E 143 -18.66 13.49 -4.41
N THR E 144 -19.16 12.25 -4.46
CA THR E 144 -18.86 11.27 -3.42
C THR E 144 -17.87 10.26 -3.98
N LEU E 145 -16.69 10.16 -3.37
CA LEU E 145 -15.67 9.20 -3.75
C LEU E 145 -15.57 8.17 -2.60
N GLY E 146 -14.89 7.04 -2.86
CA GLY E 146 -14.76 6.01 -1.84
C GLY E 146 -13.48 5.22 -1.86
N CYS E 147 -13.39 4.30 -0.93
CA CYS E 147 -12.26 3.42 -0.71
C CYS E 147 -12.87 2.06 -0.29
N LEU E 148 -12.51 0.94 -0.96
CA LEU E 148 -12.99 -0.39 -0.62
C LEU E 148 -11.80 -1.23 -0.08
N VAL E 149 -11.81 -1.54 1.22
CA VAL E 149 -10.77 -2.31 1.91
C VAL E 149 -11.25 -3.77 2.04
N LYS E 150 -10.73 -4.66 1.19
CA LYS E 150 -11.22 -6.02 1.11
C LYS E 150 -10.23 -7.15 1.47
N GLY E 151 -10.75 -8.18 2.13
CA GLY E 151 -10.02 -9.40 2.45
C GLY E 151 -8.89 -9.32 3.46
N TYR E 152 -9.11 -8.61 4.59
CA TYR E 152 -8.08 -8.52 5.63
C TYR E 152 -8.47 -9.31 6.89
N PHE E 153 -7.48 -9.66 7.70
CA PHE E 153 -7.70 -10.39 8.94
C PHE E 153 -6.48 -10.22 9.81
N PRO E 154 -6.63 -9.98 11.12
CA PRO E 154 -7.87 -9.72 11.85
C PRO E 154 -8.23 -8.22 11.82
N GLU E 155 -9.27 -7.82 12.56
CA GLU E 155 -9.63 -6.42 12.71
C GLU E 155 -8.61 -5.81 13.71
N PRO E 156 -8.38 -4.49 13.67
CA PRO E 156 -9.04 -3.48 12.85
C PRO E 156 -8.15 -2.95 11.70
N VAL E 157 -8.75 -2.06 10.93
CA VAL E 157 -8.12 -1.28 9.87
C VAL E 157 -8.55 0.17 10.13
N THR E 158 -7.61 1.09 10.04
CA THR E 158 -7.95 2.52 10.20
C THR E 158 -7.98 3.12 8.81
N VAL E 159 -8.98 3.98 8.52
CA VAL E 159 -9.06 4.65 7.23
C VAL E 159 -9.15 6.16 7.39
N THR E 160 -8.19 6.90 6.82
CA THR E 160 -8.24 8.37 6.82
C THR E 160 -8.26 8.91 5.37
N TRP E 161 -8.54 10.20 5.19
CA TRP E 161 -8.57 10.80 3.86
C TRP E 161 -7.66 12.01 3.86
N ASN E 162 -6.67 12.05 2.95
CA ASN E 162 -5.69 13.12 2.85
C ASN E 162 -4.93 13.30 4.16
N SER E 163 -4.54 12.17 4.76
CA SER E 163 -3.79 12.07 6.03
C SER E 163 -4.50 12.67 7.25
N GLY E 164 -5.81 12.82 7.17
CA GLY E 164 -6.59 13.38 8.27
C GLY E 164 -7.12 14.77 8.01
N SER E 165 -6.59 15.47 6.97
CA SER E 165 -7.06 16.83 6.66
C SER E 165 -8.47 16.85 6.07
N LEU E 166 -8.88 15.76 5.42
CA LEU E 166 -10.24 15.65 4.89
C LEU E 166 -11.03 14.90 5.95
N SER E 167 -11.68 15.63 6.85
CA SER E 167 -12.43 15.03 7.94
C SER E 167 -13.95 15.21 7.82
N SER E 168 -14.40 16.27 7.14
CA SER E 168 -15.84 16.51 6.97
C SER E 168 -16.37 15.69 5.80
N GLY E 169 -17.60 15.20 5.94
CA GLY E 169 -18.24 14.42 4.90
C GLY E 169 -17.71 13.01 4.73
N VAL E 170 -17.04 12.48 5.77
CA VAL E 170 -16.47 11.13 5.75
C VAL E 170 -17.26 10.14 6.60
N HIS E 171 -17.59 8.96 6.05
CA HIS E 171 -18.23 7.88 6.82
C HIS E 171 -17.43 6.62 6.56
N THR E 172 -17.04 5.90 7.60
CA THR E 172 -16.40 4.60 7.42
C THR E 172 -17.39 3.56 7.92
N PHE E 173 -17.74 2.61 7.06
CA PHE E 173 -18.73 1.60 7.38
C PHE E 173 -18.15 0.44 8.19
N PRO E 174 -18.94 -0.12 9.13
CA PRO E 174 -18.44 -1.26 9.91
C PRO E 174 -18.07 -2.45 9.01
N ALA E 175 -17.04 -3.20 9.40
CA ALA E 175 -16.60 -4.35 8.62
C ALA E 175 -17.60 -5.49 8.66
N VAL E 176 -17.67 -6.23 7.57
CA VAL E 176 -18.51 -7.41 7.45
C VAL E 176 -17.62 -8.63 7.18
N LEU E 177 -18.06 -9.82 7.61
CA LEU E 177 -17.31 -11.05 7.38
C LEU E 177 -17.64 -11.56 5.98
N GLU E 178 -16.61 -11.92 5.20
CA GLU E 178 -16.72 -12.38 3.83
C GLU E 178 -15.57 -13.35 3.56
N SER E 179 -15.88 -14.65 3.42
CA SER E 179 -14.90 -15.72 3.20
C SER E 179 -13.93 -15.80 4.39
N ASP E 180 -14.45 -15.68 5.64
CA ASP E 180 -13.65 -15.69 6.88
C ASP E 180 -12.68 -14.48 7.03
N LEU E 181 -12.73 -13.54 6.08
CA LEU E 181 -11.92 -12.32 6.04
C LEU E 181 -12.83 -11.09 6.10
N TYR E 182 -12.33 -9.96 6.59
CA TYR E 182 -13.14 -8.74 6.71
C TYR E 182 -13.10 -7.86 5.49
N THR E 183 -14.17 -7.08 5.31
CA THR E 183 -14.29 -6.13 4.21
C THR E 183 -15.05 -4.91 4.69
N LEU E 184 -14.50 -3.72 4.45
CA LEU E 184 -15.20 -2.48 4.77
C LEU E 184 -15.05 -1.46 3.64
N SER E 185 -15.89 -0.43 3.66
CA SER E 185 -15.77 0.65 2.71
C SER E 185 -15.80 1.99 3.44
N SER E 186 -15.19 3.01 2.84
CA SER E 186 -15.17 4.34 3.40
C SER E 186 -15.59 5.32 2.33
N SER E 187 -16.44 6.26 2.70
CA SER E 187 -17.03 7.27 1.83
C SER E 187 -16.47 8.66 2.17
N VAL E 188 -16.23 9.49 1.15
CA VAL E 188 -15.79 10.87 1.35
C VAL E 188 -16.55 11.79 0.38
N THR E 189 -17.11 12.89 0.88
CA THR E 189 -17.84 13.83 0.03
C THR E 189 -17.15 15.18 0.00
N VAL E 190 -16.77 15.63 -1.20
CA VAL E 190 -16.13 16.93 -1.42
C VAL E 190 -16.89 17.68 -2.54
N PRO E 191 -16.78 19.02 -2.64
CA PRO E 191 -17.44 19.71 -3.78
C PRO E 191 -16.86 19.27 -5.13
N SER E 192 -17.58 19.50 -6.23
CA SER E 192 -17.09 19.11 -7.55
C SER E 192 -15.87 19.93 -7.97
N SER E 193 -15.77 21.18 -7.50
CA SER E 193 -14.62 22.05 -7.83
C SER E 193 -13.27 21.47 -7.38
N PRO E 194 -13.04 21.01 -6.12
CA PRO E 194 -11.72 20.47 -5.78
C PRO E 194 -11.43 19.05 -6.28
N TRP E 195 -12.35 18.38 -7.01
CA TRP E 195 -12.03 17.05 -7.56
C TRP E 195 -12.46 16.89 -9.00
N PRO E 196 -11.56 16.41 -9.88
CA PRO E 196 -10.18 15.95 -9.63
C PRO E 196 -9.06 17.01 -9.66
N SER E 197 -9.38 18.31 -9.57
CA SER E 197 -8.36 19.37 -9.59
C SER E 197 -7.38 19.32 -8.40
N GLU E 198 -7.85 18.84 -7.26
CA GLU E 198 -7.03 18.65 -6.06
C GLU E 198 -7.06 17.17 -5.69
N THR E 199 -5.94 16.64 -5.20
CA THR E 199 -5.82 15.22 -4.87
C THR E 199 -6.66 14.77 -3.67
N VAL E 200 -7.28 13.59 -3.82
CA VAL E 200 -8.07 12.93 -2.77
C VAL E 200 -7.52 11.51 -2.62
N THR E 201 -6.95 11.17 -1.47
CA THR E 201 -6.35 9.85 -1.27
C THR E 201 -6.85 9.19 0.03
N CYS E 202 -7.14 7.87 0.00
CA CYS E 202 -7.48 7.17 1.24
C CYS E 202 -6.25 6.47 1.80
N ASN E 203 -6.03 6.62 3.11
CA ASN E 203 -4.90 6.04 3.81
C ASN E 203 -5.43 4.93 4.68
N VAL E 204 -5.06 3.69 4.37
CA VAL E 204 -5.54 2.54 5.12
C VAL E 204 -4.38 1.89 5.86
N ALA E 205 -4.51 1.65 7.17
CA ALA E 205 -3.46 1.00 7.93
C ALA E 205 -4.02 -0.25 8.57
N HIS E 206 -3.27 -1.35 8.53
CA HIS E 206 -3.64 -2.63 9.10
C HIS E 206 -2.45 -3.08 9.94
N PRO E 207 -2.42 -2.67 11.22
CA PRO E 207 -1.26 -2.98 12.07
C PRO E 207 -0.93 -4.46 12.24
N ALA E 208 -1.94 -5.35 12.22
CA ALA E 208 -1.70 -6.79 12.36
C ALA E 208 -0.79 -7.36 11.27
N SER E 209 -0.82 -6.80 10.06
CA SER E 209 0.06 -7.28 8.98
C SER E 209 1.17 -6.28 8.63
N SER E 210 1.36 -5.21 9.46
CA SER E 210 2.36 -4.16 9.31
C SER E 210 2.25 -3.49 7.94
N THR E 211 1.00 -3.21 7.52
CA THR E 211 0.74 -2.65 6.19
C THR E 211 0.06 -1.30 6.23
N LYS E 212 0.52 -0.38 5.36
CA LYS E 212 -0.10 0.92 5.16
C LYS E 212 -0.23 1.10 3.65
N VAL E 213 -1.44 1.41 3.16
CA VAL E 213 -1.67 1.59 1.74
C VAL E 213 -2.35 2.94 1.48
N ASP E 214 -1.80 3.75 0.57
CA ASP E 214 -2.40 5.01 0.15
C ASP E 214 -2.93 4.78 -1.26
N LYS E 215 -4.21 5.06 -1.47
CA LYS E 215 -4.79 4.88 -2.80
C LYS E 215 -5.36 6.20 -3.28
N LYS E 216 -4.67 6.83 -4.24
CA LYS E 216 -5.15 8.11 -4.77
C LYS E 216 -6.36 7.82 -5.67
N ILE E 217 -7.43 8.61 -5.52
CA ILE E 217 -8.65 8.41 -6.31
C ILE E 217 -8.59 9.25 -7.58
N VAL E 218 -8.44 8.60 -8.74
CA VAL E 218 -8.37 9.28 -10.03
C VAL E 218 -9.64 8.97 -10.86
N PRO E 219 -10.05 9.85 -11.80
CA PRO E 219 -11.28 9.58 -12.57
C PRO E 219 -11.18 8.35 -13.46
N ARG E 220 -12.30 7.67 -13.70
CA ARG E 220 -12.32 6.44 -14.51
C ARG E 220 -12.09 6.69 -16.01
N GLN F 1 -32.31 -18.92 31.69
CA GLN F 1 -33.65 -19.42 31.54
C GLN F 1 -34.66 -18.30 31.56
N ILE F 2 -34.51 -17.28 32.42
CA ILE F 2 -35.48 -16.18 32.38
C ILE F 2 -35.09 -15.29 31.22
N VAL F 3 -36.02 -15.09 30.29
CA VAL F 3 -35.79 -14.27 29.13
C VAL F 3 -36.38 -12.89 29.41
N LEU F 4 -35.59 -11.84 29.14
CA LEU F 4 -36.06 -10.46 29.29
C LEU F 4 -36.22 -9.89 27.90
N SER F 5 -37.44 -9.43 27.56
CA SER F 5 -37.77 -8.89 26.26
C SER F 5 -37.97 -7.37 26.34
N GLN F 6 -37.07 -6.63 25.73
CA GLN F 6 -37.12 -5.18 25.76
C GLN F 6 -37.81 -4.61 24.53
N SER F 7 -38.71 -3.67 24.78
CA SER F 7 -39.41 -3.03 23.69
C SER F 7 -39.55 -1.52 23.96
N PRO F 8 -39.53 -0.70 22.92
CA PRO F 8 -39.23 -1.08 21.52
C PRO F 8 -37.72 -1.37 21.39
N ALA F 9 -37.29 -2.05 20.30
CA ALA F 9 -35.86 -2.28 20.08
C ALA F 9 -35.18 -0.90 19.86
N ILE F 10 -35.86 -0.01 19.12
CA ILE F 10 -35.37 1.35 18.86
C ILE F 10 -36.45 2.32 19.30
N LEU F 11 -36.13 3.21 20.22
CA LEU F 11 -37.07 4.22 20.70
C LEU F 11 -36.62 5.55 20.08
N SER F 12 -37.42 6.11 19.16
CA SER F 12 -37.08 7.39 18.52
C SER F 12 -37.74 8.55 19.29
N ALA F 13 -36.97 9.59 19.63
CA ALA F 13 -37.53 10.71 20.38
C ALA F 13 -36.85 12.01 20.05
N SER F 14 -37.61 13.09 20.10
CA SER F 14 -37.03 14.44 19.95
C SER F 14 -36.73 14.88 21.38
N PRO F 15 -35.69 15.71 21.60
CA PRO F 15 -35.44 16.22 22.96
C PRO F 15 -36.69 16.98 23.46
N GLY F 16 -37.03 16.75 24.72
CA GLY F 16 -38.23 17.33 25.31
C GLY F 16 -39.36 16.33 25.48
N GLU F 17 -39.36 15.24 24.69
CA GLU F 17 -40.41 14.22 24.77
C GLU F 17 -40.34 13.43 26.06
N LYS F 18 -41.50 12.95 26.52
CA LYS F 18 -41.65 12.05 27.64
C LYS F 18 -41.73 10.66 27.02
N VAL F 19 -40.83 9.74 27.42
CA VAL F 19 -40.80 8.40 26.82
C VAL F 19 -40.69 7.28 27.87
N THR F 20 -41.06 6.05 27.48
CA THR F 20 -40.98 4.87 28.36
C THR F 20 -40.56 3.65 27.54
N MET F 21 -39.69 2.83 28.10
CA MET F 21 -39.29 1.59 27.46
C MET F 21 -39.62 0.46 28.44
N THR F 22 -39.97 -0.71 27.93
CA THR F 22 -40.44 -1.80 28.77
C THR F 22 -39.51 -3.01 28.76
N CYS F 23 -39.49 -3.72 29.87
CA CYS F 23 -38.71 -4.94 30.04
C CYS F 23 -39.71 -5.99 30.52
N ARG F 24 -40.04 -6.97 29.68
CA ARG F 24 -40.99 -8.02 30.04
C ARG F 24 -40.23 -9.30 30.35
N ALA F 25 -40.53 -9.97 31.47
CA ALA F 25 -39.83 -11.19 31.83
C ALA F 25 -40.68 -12.43 31.49
N SER F 26 -40.04 -13.53 31.05
CA SER F 26 -40.74 -14.78 30.72
C SER F 26 -41.37 -15.42 31.95
N SER F 27 -40.85 -15.13 33.14
CA SER F 27 -41.44 -15.59 34.39
C SER F 27 -41.24 -14.47 35.43
N SER F 28 -41.96 -14.51 36.55
CA SER F 28 -41.87 -13.46 37.56
C SER F 28 -40.44 -13.19 38.08
N VAL F 29 -40.03 -11.92 38.19
CA VAL F 29 -38.73 -11.52 38.74
C VAL F 29 -39.00 -10.50 39.86
N THR F 30 -38.20 -10.52 40.94
CA THR F 30 -38.47 -9.65 42.10
C THR F 30 -37.85 -8.24 42.00
N TYR F 31 -37.02 -8.01 40.97
CA TYR F 31 -36.46 -6.68 40.70
C TYR F 31 -35.81 -6.70 39.30
N ILE F 32 -35.52 -5.50 38.77
CA ILE F 32 -34.77 -5.30 37.54
C ILE F 32 -33.72 -4.20 37.78
N HIS F 33 -32.49 -4.42 37.31
CA HIS F 33 -31.46 -3.38 37.32
C HIS F 33 -31.38 -2.85 35.86
N TRP F 34 -31.04 -1.57 35.68
CA TRP F 34 -30.89 -1.00 34.36
C TRP F 34 -29.47 -0.44 34.21
N TYR F 35 -28.91 -0.58 33.00
CA TYR F 35 -27.58 -0.12 32.64
C TYR F 35 -27.65 0.70 31.35
N GLN F 36 -26.82 1.71 31.24
CA GLN F 36 -26.78 2.54 30.04
C GLN F 36 -25.45 2.31 29.34
N GLN F 37 -25.45 2.14 28.02
CA GLN F 37 -24.19 1.97 27.29
C GLN F 37 -24.17 2.86 26.06
N LYS F 38 -23.06 3.54 25.82
CA LYS F 38 -22.88 4.34 24.61
C LYS F 38 -21.70 3.71 23.79
N PRO F 39 -21.64 3.89 22.45
CA PRO F 39 -20.54 3.29 21.69
C PRO F 39 -19.17 3.72 22.20
N GLY F 40 -18.25 2.77 22.32
CA GLY F 40 -16.91 3.07 22.78
C GLY F 40 -16.67 2.84 24.26
N SER F 41 -17.75 2.57 25.05
CA SER F 41 -17.54 2.33 26.48
C SER F 41 -18.40 1.18 27.01
N SER F 42 -18.09 0.73 28.21
CA SER F 42 -18.77 -0.37 28.84
C SER F 42 -20.12 0.09 29.42
N PRO F 43 -21.02 -0.87 29.71
CA PRO F 43 -22.29 -0.49 30.37
C PRO F 43 -22.03 0.18 31.71
N LYS F 44 -22.89 1.14 32.05
CA LYS F 44 -22.77 1.87 33.30
C LYS F 44 -24.01 1.62 34.16
N PRO F 45 -23.84 1.53 35.49
CA PRO F 45 -25.00 1.42 36.38
C PRO F 45 -25.96 2.62 36.17
N TRP F 46 -27.26 2.36 36.01
CA TRP F 46 -28.21 3.44 35.73
C TRP F 46 -29.36 3.46 36.74
N ILE F 47 -30.04 2.32 36.89
CA ILE F 47 -31.10 2.19 37.88
C ILE F 47 -30.90 0.93 38.67
N GLN F 48 -30.80 1.08 40.00
CA GLN F 48 -30.57 -0.06 40.89
C GLN F 48 -31.89 -0.51 41.52
N ALA F 49 -32.14 -1.83 41.56
CA ALA F 49 -33.25 -2.46 42.24
C ALA F 49 -34.58 -1.77 41.90
N THR F 50 -34.89 -1.75 40.59
CA THR F 50 -36.12 -1.30 39.96
C THR F 50 -36.29 0.21 39.87
N SER F 51 -36.07 0.93 40.98
CA SER F 51 -36.43 2.34 40.99
C SER F 51 -35.42 3.29 41.62
N SER F 52 -34.28 2.79 42.16
CA SER F 52 -33.34 3.70 42.81
C SER F 52 -32.26 4.17 41.84
N LEU F 53 -32.25 5.45 41.45
CA LEU F 53 -31.24 5.93 40.48
C LEU F 53 -29.80 5.72 40.95
N ALA F 54 -28.91 5.36 40.03
CA ALA F 54 -27.48 5.23 40.38
C ALA F 54 -26.92 6.65 40.58
N SER F 55 -25.79 6.76 41.27
CA SER F 55 -25.12 8.02 41.55
C SER F 55 -24.87 8.83 40.25
N GLY F 56 -25.28 10.09 40.24
CA GLY F 56 -25.05 10.96 39.10
C GLY F 56 -26.07 10.87 37.97
N VAL F 57 -27.05 9.95 38.07
CA VAL F 57 -28.10 9.83 37.03
C VAL F 57 -29.13 10.94 37.26
N PRO F 58 -29.44 11.74 36.22
CA PRO F 58 -30.39 12.85 36.42
C PRO F 58 -31.79 12.43 36.79
N ALA F 59 -32.47 13.31 37.53
CA ALA F 59 -33.81 13.12 38.07
C ALA F 59 -34.88 12.86 37.00
N ARG F 60 -34.62 13.22 35.73
CA ARG F 60 -35.58 12.94 34.65
C ARG F 60 -35.78 11.41 34.41
N PHE F 61 -34.84 10.58 34.91
CA PHE F 61 -34.97 9.13 34.77
C PHE F 61 -35.75 8.58 35.94
N SER F 62 -36.50 7.51 35.67
CA SER F 62 -37.19 6.77 36.72
C SER F 62 -37.37 5.33 36.27
N GLY F 63 -37.59 4.46 37.23
CA GLY F 63 -37.84 3.06 36.94
C GLY F 63 -39.01 2.55 37.78
N SER F 64 -39.72 1.58 37.24
CA SER F 64 -40.89 1.04 37.90
C SER F 64 -41.14 -0.42 37.52
N GLY F 65 -42.06 -1.09 38.22
CA GLY F 65 -42.45 -2.44 37.82
C GLY F 65 -42.49 -3.46 38.92
N SER F 66 -42.95 -4.64 38.55
CA SER F 66 -43.06 -5.78 39.45
C SER F 66 -43.45 -7.00 38.61
N GLY F 67 -43.28 -8.19 39.18
CA GLY F 67 -43.68 -9.43 38.52
C GLY F 67 -43.05 -9.66 37.17
N THR F 68 -43.86 -9.57 36.09
CA THR F 68 -43.32 -9.80 34.76
C THR F 68 -43.15 -8.56 33.91
N SER F 69 -43.42 -7.37 34.44
CA SER F 69 -43.35 -6.17 33.61
C SER F 69 -42.73 -5.00 34.34
N TYR F 70 -41.63 -4.51 33.79
CA TYR F 70 -40.87 -3.40 34.36
C TYR F 70 -40.64 -2.36 33.29
N SER F 71 -40.28 -1.14 33.69
CA SER F 71 -40.09 -0.07 32.71
C SER F 71 -39.09 0.97 33.20
N LEU F 72 -38.55 1.71 32.26
CA LEU F 72 -37.66 2.83 32.52
C LEU F 72 -38.31 4.02 31.78
N SER F 73 -38.43 5.17 32.44
CA SER F 73 -39.02 6.34 31.81
C SER F 73 -38.09 7.54 31.86
N ILE F 74 -38.23 8.43 30.89
CA ILE F 74 -37.50 9.69 30.85
C ILE F 74 -38.58 10.77 30.74
N SER F 75 -38.68 11.65 31.74
CA SER F 75 -39.75 12.68 31.78
C SER F 75 -39.61 13.73 30.67
N ARG F 76 -38.37 14.03 30.27
CA ARG F 76 -38.07 14.98 29.20
C ARG F 76 -36.70 14.60 28.62
N VAL F 77 -36.68 13.99 27.43
CA VAL F 77 -35.46 13.50 26.79
C VAL F 77 -34.46 14.63 26.50
N GLU F 78 -33.19 14.36 26.73
CA GLU F 78 -32.12 15.28 26.38
C GLU F 78 -31.28 14.56 25.33
N ALA F 79 -30.56 15.30 24.47
CA ALA F 79 -29.73 14.68 23.45
C ALA F 79 -28.71 13.67 24.04
N GLU F 80 -28.14 13.96 25.23
CA GLU F 80 -27.16 13.06 25.86
C GLU F 80 -27.77 11.71 26.31
N ASP F 81 -29.11 11.57 26.29
CA ASP F 81 -29.75 10.31 26.66
C ASP F 81 -29.73 9.27 25.53
N ALA F 82 -29.34 9.67 24.30
CA ALA F 82 -29.21 8.74 23.18
C ALA F 82 -28.13 7.69 23.56
N ALA F 83 -28.58 6.44 23.75
CA ALA F 83 -27.73 5.36 24.27
C ALA F 83 -28.56 4.06 24.21
N THR F 84 -27.96 2.91 24.52
CA THR F 84 -28.71 1.68 24.65
C THR F 84 -28.93 1.44 26.15
N TYR F 85 -30.16 1.09 26.54
CA TYR F 85 -30.50 0.81 27.93
C TYR F 85 -30.79 -0.67 28.04
N TYR F 86 -30.09 -1.38 28.93
CA TYR F 86 -30.28 -2.81 29.14
C TYR F 86 -30.94 -3.04 30.47
N CYS F 87 -31.90 -3.97 30.51
CA CYS F 87 -32.49 -4.40 31.78
C CYS F 87 -31.82 -5.74 32.17
N GLN F 88 -31.82 -6.07 33.46
CA GLN F 88 -31.11 -7.25 33.94
C GLN F 88 -31.81 -7.81 35.18
N GLN F 89 -31.93 -9.13 35.26
CA GLN F 89 -32.56 -9.76 36.40
C GLN F 89 -31.62 -10.76 37.04
N TRP F 90 -31.84 -11.04 38.33
CA TRP F 90 -31.17 -12.15 38.98
C TRP F 90 -32.06 -12.72 40.09
N SER F 91 -33.22 -13.22 39.68
CA SER F 91 -34.19 -13.85 40.57
C SER F 91 -33.96 -15.39 40.62
N SER F 92 -33.24 -15.96 39.63
CA SER F 92 -32.82 -17.36 39.56
C SER F 92 -31.62 -17.45 38.63
N ASN F 93 -30.79 -18.47 38.81
CA ASN F 93 -29.65 -18.70 37.92
C ASN F 93 -30.16 -19.23 36.59
N PRO F 94 -29.63 -18.76 35.45
CA PRO F 94 -28.60 -17.73 35.33
C PRO F 94 -29.15 -16.32 35.37
N LEU F 95 -28.29 -15.40 35.79
CA LEU F 95 -28.52 -13.97 35.72
C LEU F 95 -28.58 -13.66 34.20
N THR F 96 -29.57 -12.86 33.76
CA THR F 96 -29.73 -12.55 32.37
C THR F 96 -29.98 -11.08 32.13
N PHE F 97 -29.70 -10.63 30.89
CA PHE F 97 -29.95 -9.27 30.47
C PHE F 97 -30.94 -9.31 29.30
N GLY F 98 -31.63 -8.18 29.10
CA GLY F 98 -32.42 -7.96 27.91
C GLY F 98 -31.48 -7.60 26.75
N ALA F 99 -32.00 -7.60 25.52
CA ALA F 99 -31.18 -7.28 24.33
C ALA F 99 -30.91 -5.77 24.16
N GLY F 100 -31.55 -4.94 24.98
CA GLY F 100 -31.37 -3.50 24.95
C GLY F 100 -32.43 -2.76 24.16
N THR F 101 -32.71 -1.54 24.58
CA THR F 101 -33.56 -0.62 23.84
C THR F 101 -32.61 0.53 23.50
N LYS F 102 -32.45 0.84 22.21
CA LYS F 102 -31.57 1.94 21.80
C LYS F 102 -32.41 3.20 21.62
N LEU F 103 -32.07 4.25 22.35
CA LEU F 103 -32.77 5.52 22.24
C LEU F 103 -32.04 6.33 21.16
N GLU F 104 -32.77 6.63 20.10
CA GLU F 104 -32.28 7.36 18.95
C GLU F 104 -32.94 8.76 18.91
N LEU F 105 -32.23 9.75 18.36
CA LEU F 105 -32.77 11.10 18.24
C LEU F 105 -33.52 11.32 16.94
N LYS F 106 -34.65 12.02 17.03
CA LYS F 106 -35.44 12.36 15.86
C LYS F 106 -34.86 13.58 15.18
N ARG F 107 -35.04 13.65 13.88
CA ARG F 107 -34.67 14.78 13.03
C ARG F 107 -35.66 14.80 11.83
N ALA F 108 -35.60 15.83 10.97
CA ALA F 108 -36.46 15.89 9.78
C ALA F 108 -36.10 14.74 8.84
N ASP F 109 -37.09 14.20 8.10
CA ASP F 109 -36.82 13.11 7.15
C ASP F 109 -35.85 13.58 6.07
N ALA F 110 -34.92 12.72 5.70
CA ALA F 110 -33.91 13.07 4.70
C ALA F 110 -33.75 11.93 3.75
N ALA F 111 -33.88 12.19 2.46
CA ALA F 111 -33.74 11.17 1.43
C ALA F 111 -32.26 10.79 1.32
N PRO F 112 -31.94 9.51 1.08
CA PRO F 112 -30.53 9.13 0.95
C PRO F 112 -29.91 9.65 -0.34
N THR F 113 -28.61 9.90 -0.31
CA THR F 113 -27.84 10.30 -1.49
C THR F 113 -27.24 9.00 -1.98
N VAL F 114 -27.65 8.54 -3.16
CA VAL F 114 -27.21 7.26 -3.69
C VAL F 114 -26.09 7.39 -4.71
N SER F 115 -25.01 6.63 -4.52
CA SER F 115 -23.87 6.64 -5.43
C SER F 115 -23.51 5.21 -5.78
N ILE F 116 -23.39 4.90 -7.08
CA ILE F 116 -23.01 3.57 -7.52
C ILE F 116 -21.58 3.60 -8.10
N PHE F 117 -20.80 2.58 -7.81
CA PHE F 117 -19.41 2.48 -8.21
C PHE F 117 -19.14 1.15 -8.87
N PRO F 118 -18.59 1.18 -10.10
CA PRO F 118 -18.20 -0.07 -10.75
C PRO F 118 -16.96 -0.67 -10.08
N PRO F 119 -16.66 -1.97 -10.29
CA PRO F 119 -15.41 -2.51 -9.76
C PRO F 119 -14.20 -1.79 -10.36
N SER F 120 -13.15 -1.63 -9.57
CA SER F 120 -11.95 -0.94 -10.03
C SER F 120 -11.14 -1.82 -10.98
N SER F 121 -10.22 -1.21 -11.76
CA SER F 121 -9.33 -1.96 -12.64
C SER F 121 -8.43 -2.88 -11.78
N GLU F 122 -7.96 -2.36 -10.62
CA GLU F 122 -7.09 -3.10 -9.70
C GLU F 122 -7.77 -4.40 -9.25
N GLN F 123 -9.04 -4.35 -8.83
CA GLN F 123 -9.76 -5.53 -8.39
C GLN F 123 -9.94 -6.54 -9.51
N LEU F 124 -10.32 -6.07 -10.70
CA LEU F 124 -10.50 -6.93 -11.87
C LEU F 124 -9.25 -7.76 -12.22
N THR F 125 -8.02 -7.23 -11.99
CA THR F 125 -6.78 -7.98 -12.25
C THR F 125 -6.64 -9.20 -11.31
N SER F 126 -7.34 -9.20 -10.16
CA SER F 126 -7.29 -10.29 -9.20
C SER F 126 -8.36 -11.39 -9.43
N GLY F 127 -9.26 -11.19 -10.39
CA GLY F 127 -10.30 -12.16 -10.70
C GLY F 127 -11.65 -11.90 -10.06
N GLY F 128 -11.79 -10.80 -9.34
CA GLY F 128 -13.05 -10.46 -8.69
C GLY F 128 -13.63 -9.13 -9.14
N ALA F 129 -14.88 -8.86 -8.77
CA ALA F 129 -15.56 -7.62 -9.12
C ALA F 129 -16.59 -7.28 -8.07
N SER F 130 -16.44 -6.14 -7.41
CA SER F 130 -17.38 -5.71 -6.37
C SER F 130 -18.03 -4.43 -6.84
N VAL F 131 -19.37 -4.41 -6.86
CA VAL F 131 -20.12 -3.23 -7.25
C VAL F 131 -20.60 -2.61 -5.94
N VAL F 132 -20.17 -1.36 -5.67
CA VAL F 132 -20.47 -0.70 -4.41
C VAL F 132 -21.56 0.36 -4.56
N CYS F 133 -22.46 0.41 -3.59
CA CYS F 133 -23.54 1.38 -3.57
C CYS F 133 -23.60 2.04 -2.20
N PHE F 134 -23.45 3.37 -2.16
CA PHE F 134 -23.54 4.13 -0.90
C PHE F 134 -24.90 4.82 -0.82
N LEU F 135 -25.55 4.71 0.33
CA LEU F 135 -26.84 5.36 0.59
C LEU F 135 -26.54 6.22 1.79
N ASN F 136 -26.15 7.48 1.55
CA ASN F 136 -25.68 8.36 2.61
C ASN F 136 -26.64 9.40 3.13
N ASN F 137 -26.50 9.68 4.43
CA ASN F 137 -27.16 10.70 5.22
C ASN F 137 -28.68 10.72 5.07
N PHE F 138 -29.33 9.61 5.42
CA PHE F 138 -30.78 9.52 5.37
C PHE F 138 -31.43 9.40 6.78
N TYR F 139 -32.73 9.63 6.85
CA TYR F 139 -33.49 9.50 8.09
C TYR F 139 -34.96 9.32 7.73
N PRO F 140 -35.72 8.36 8.32
CA PRO F 140 -35.34 7.41 9.39
C PRO F 140 -34.44 6.25 8.96
N LYS F 141 -34.04 5.41 9.91
CA LYS F 141 -33.13 4.26 9.80
C LYS F 141 -33.56 3.19 8.77
N ASP F 142 -34.85 2.86 8.68
CA ASP F 142 -35.32 1.81 7.78
C ASP F 142 -35.16 2.15 6.30
N ILE F 143 -34.52 1.22 5.58
CA ILE F 143 -34.24 1.36 4.15
C ILE F 143 -34.09 -0.03 3.52
N ASN F 144 -34.35 -0.12 2.22
CA ASN F 144 -34.20 -1.38 1.50
C ASN F 144 -33.36 -1.16 0.25
N VAL F 145 -32.48 -2.11 -0.07
CA VAL F 145 -31.64 -2.03 -1.26
C VAL F 145 -31.88 -3.26 -2.13
N LYS F 146 -32.17 -3.05 -3.41
CA LYS F 146 -32.38 -4.16 -4.34
C LYS F 146 -31.31 -4.10 -5.42
N TRP F 147 -30.67 -5.23 -5.72
CA TRP F 147 -29.65 -5.28 -6.76
C TRP F 147 -30.21 -5.87 -8.03
N LYS F 148 -30.04 -5.16 -9.16
CA LYS F 148 -30.54 -5.64 -10.45
C LYS F 148 -29.43 -5.71 -11.49
N ILE F 149 -29.25 -6.89 -12.09
CA ILE F 149 -28.26 -7.11 -13.15
C ILE F 149 -29.03 -7.36 -14.44
N ASP F 150 -28.95 -6.42 -15.40
CA ASP F 150 -29.65 -6.45 -16.69
C ASP F 150 -31.18 -6.48 -16.53
N GLY F 151 -31.68 -5.85 -15.47
CA GLY F 151 -33.11 -5.79 -15.17
C GLY F 151 -33.63 -6.93 -14.32
N SER F 152 -32.77 -7.88 -13.93
CA SER F 152 -33.20 -9.02 -13.11
C SER F 152 -32.66 -8.91 -11.68
N GLU F 153 -33.49 -9.22 -10.69
CA GLU F 153 -33.10 -9.14 -9.28
C GLU F 153 -32.06 -10.18 -8.90
N ARG F 154 -31.18 -9.84 -7.94
CA ARG F 154 -30.16 -10.78 -7.47
C ARG F 154 -30.02 -10.63 -5.96
N GLN F 155 -30.08 -11.74 -5.22
CA GLN F 155 -29.95 -11.71 -3.77
C GLN F 155 -28.60 -12.22 -3.29
N ASN F 156 -28.10 -13.28 -3.91
CA ASN F 156 -26.82 -13.88 -3.50
C ASN F 156 -25.62 -12.97 -3.85
N GLY F 157 -24.62 -12.97 -2.97
CA GLY F 157 -23.41 -12.17 -3.14
C GLY F 157 -23.48 -10.76 -2.61
N VAL F 158 -24.59 -10.41 -1.94
CA VAL F 158 -24.77 -9.06 -1.41
C VAL F 158 -24.47 -8.98 0.08
N LEU F 159 -23.56 -8.07 0.45
CA LEU F 159 -23.24 -7.84 1.85
C LEU F 159 -23.57 -6.39 2.16
N ASN F 160 -24.28 -6.16 3.27
CA ASN F 160 -24.69 -4.82 3.65
C ASN F 160 -24.05 -4.36 4.94
N SER F 161 -23.86 -3.05 5.08
CA SER F 161 -23.27 -2.49 6.29
C SER F 161 -23.93 -1.18 6.63
N TRP F 162 -24.28 -0.99 7.90
CA TRP F 162 -24.98 0.20 8.35
C TRP F 162 -24.17 0.93 9.41
N THR F 163 -24.05 2.26 9.29
CA THR F 163 -23.35 3.05 10.31
C THR F 163 -24.31 3.30 11.50
N ASP F 164 -23.77 3.74 12.64
CA ASP F 164 -24.60 4.15 13.77
C ASP F 164 -25.16 5.55 13.42
N GLN F 165 -26.16 6.04 14.20
CA GLN F 165 -26.70 7.39 13.95
C GLN F 165 -25.58 8.42 14.17
N ASP F 166 -25.41 9.35 13.21
CA ASP F 166 -24.37 10.36 13.32
C ASP F 166 -24.61 11.29 14.51
N SER F 167 -23.56 11.51 15.33
CA SER F 167 -23.67 12.37 16.51
C SER F 167 -23.89 13.85 16.22
N LYS F 168 -23.59 14.31 15.00
CA LYS F 168 -23.74 15.73 14.67
C LYS F 168 -24.98 16.05 13.85
N ASP F 169 -25.33 15.21 12.83
CA ASP F 169 -26.50 15.50 12.01
C ASP F 169 -27.69 14.53 12.22
N SER F 170 -27.52 13.48 13.04
CA SER F 170 -28.57 12.48 13.36
C SER F 170 -29.04 11.63 12.18
N THR F 171 -28.27 11.57 11.08
CA THR F 171 -28.63 10.75 9.94
C THR F 171 -27.95 9.36 10.02
N TYR F 172 -28.37 8.42 9.16
CA TYR F 172 -27.82 7.10 9.03
C TYR F 172 -27.24 6.93 7.61
N SER F 173 -26.29 6.02 7.44
CA SER F 173 -25.74 5.72 6.13
C SER F 173 -25.62 4.19 5.96
N MET F 174 -25.62 3.74 4.72
CA MET F 174 -25.57 2.32 4.42
C MET F 174 -24.69 2.06 3.20
N SER F 175 -23.90 0.99 3.23
CA SER F 175 -23.11 0.59 2.08
C SER F 175 -23.58 -0.81 1.68
N SER F 176 -23.76 -1.03 0.38
CA SER F 176 -24.22 -2.30 -0.17
C SER F 176 -23.23 -2.73 -1.23
N THR F 177 -22.66 -3.94 -1.08
CA THR F 177 -21.69 -4.41 -2.06
C THR F 177 -22.10 -5.73 -2.67
N LEU F 178 -22.13 -5.78 -4.00
CA LEU F 178 -22.46 -6.99 -4.74
C LEU F 178 -21.14 -7.59 -5.23
N THR F 179 -20.73 -8.74 -4.68
CA THR F 179 -19.48 -9.36 -5.08
C THR F 179 -19.71 -10.50 -6.07
N LEU F 180 -19.07 -10.38 -7.23
CA LEU F 180 -19.13 -11.35 -8.31
C LEU F 180 -17.70 -11.74 -8.71
N THR F 181 -17.56 -12.83 -9.47
CA THR F 181 -16.26 -13.16 -10.06
C THR F 181 -16.15 -12.27 -11.30
N LYS F 182 -14.92 -12.08 -11.82
CA LYS F 182 -14.71 -11.27 -13.02
C LYS F 182 -15.49 -11.85 -14.21
N ASP F 183 -15.45 -13.19 -14.36
CA ASP F 183 -16.15 -13.87 -15.45
C ASP F 183 -17.67 -13.66 -15.40
N GLU F 184 -18.30 -13.84 -14.24
CA GLU F 184 -19.76 -13.65 -14.14
C GLU F 184 -20.15 -12.15 -14.18
N TYR F 185 -19.21 -11.25 -13.84
CA TYR F 185 -19.44 -9.80 -13.93
C TYR F 185 -19.47 -9.39 -15.41
N GLU F 186 -18.57 -9.96 -16.22
CA GLU F 186 -18.49 -9.66 -17.65
C GLU F 186 -19.58 -10.34 -18.49
N ARG F 187 -20.44 -11.17 -17.89
CA ARG F 187 -21.54 -11.81 -18.61
C ARG F 187 -22.72 -10.84 -18.85
N HIS F 188 -22.79 -9.73 -18.06
CA HIS F 188 -23.88 -8.75 -18.16
C HIS F 188 -23.36 -7.30 -18.37
N ASN F 189 -24.26 -6.35 -18.69
CA ASN F 189 -23.84 -4.97 -18.94
C ASN F 189 -24.39 -3.94 -17.95
N SER F 190 -25.70 -3.99 -17.64
CA SER F 190 -26.33 -3.00 -16.76
C SER F 190 -26.33 -3.41 -15.28
N TYR F 191 -25.79 -2.56 -14.40
CA TYR F 191 -25.77 -2.83 -12.97
C TYR F 191 -26.53 -1.75 -12.23
N THR F 192 -27.53 -2.15 -11.43
CA THR F 192 -28.42 -1.21 -10.79
C THR F 192 -28.54 -1.37 -9.27
N CYS F 193 -28.57 -0.26 -8.56
CA CYS F 193 -28.77 -0.24 -7.10
C CYS F 193 -30.07 0.52 -6.85
N GLU F 194 -31.12 -0.15 -6.34
CA GLU F 194 -32.40 0.53 -6.09
C GLU F 194 -32.59 0.81 -4.60
N ALA F 195 -32.89 2.05 -4.23
CA ALA F 195 -33.05 2.43 -2.83
C ALA F 195 -34.49 2.76 -2.44
N THR F 196 -35.12 1.90 -1.63
CA THR F 196 -36.49 2.16 -1.17
C THR F 196 -36.46 2.71 0.25
N HIS F 197 -36.93 3.96 0.40
CA HIS F 197 -36.99 4.69 1.66
C HIS F 197 -38.38 5.31 1.82
N LYS F 198 -38.83 5.58 3.06
CA LYS F 198 -40.17 6.16 3.27
C LYS F 198 -40.31 7.60 2.77
N THR F 199 -39.20 8.30 2.47
CA THR F 199 -39.24 9.66 1.94
C THR F 199 -39.83 9.78 0.52
N SER F 200 -40.10 8.65 -0.15
CA SER F 200 -40.72 8.62 -1.48
C SER F 200 -41.22 7.21 -1.81
N THR F 201 -42.31 7.13 -2.56
CA THR F 201 -42.86 5.83 -2.97
C THR F 201 -42.05 5.23 -4.14
N SER F 202 -41.40 6.09 -4.95
CA SER F 202 -40.56 5.66 -6.06
C SER F 202 -39.15 5.45 -5.50
N PRO F 203 -38.51 4.31 -5.78
CA PRO F 203 -37.15 4.10 -5.28
C PRO F 203 -36.11 4.94 -6.02
N ILE F 204 -34.99 5.27 -5.36
CA ILE F 204 -33.92 6.02 -6.00
C ILE F 204 -33.06 5.03 -6.78
N VAL F 205 -33.04 5.16 -8.11
CA VAL F 205 -32.32 4.24 -8.95
C VAL F 205 -30.98 4.80 -9.47
N LYS F 206 -29.88 4.11 -9.15
CA LYS F 206 -28.56 4.50 -9.65
C LYS F 206 -28.00 3.35 -10.48
N SER F 207 -27.53 3.65 -11.69
CA SER F 207 -27.05 2.61 -12.59
C SER F 207 -25.79 3.01 -13.35
N PHE F 208 -25.12 2.03 -13.97
CA PHE F 208 -23.99 2.24 -14.85
C PHE F 208 -23.94 1.08 -15.85
N ASN F 209 -23.52 1.37 -17.08
CA ASN F 209 -23.38 0.34 -18.10
C ASN F 209 -21.91 0.05 -18.26
N ARG F 210 -21.51 -1.23 -18.21
CA ARG F 210 -20.12 -1.66 -18.37
C ARG F 210 -19.54 -1.25 -19.76
N ASN F 211 -20.42 -0.80 -20.70
CA ASN F 211 -20.16 -0.32 -22.05
C ASN F 211 -19.97 -1.47 -23.04
C1 NAG G . -31.28 17.96 62.79
C2 NAG G . -31.54 18.84 61.57
C3 NAG G . -32.12 20.20 61.97
C4 NAG G . -33.27 20.03 62.95
C5 NAG G . -32.83 19.16 64.13
C6 NAG G . -33.90 18.94 65.18
C7 NAG G . -30.16 18.56 59.57
C8 NAG G . -28.83 18.82 58.94
N2 NAG G . -30.31 19.00 60.82
O3 NAG G . -32.56 20.84 60.79
O4 NAG G . -33.72 21.30 63.40
O5 NAG G . -32.45 17.88 63.63
O6 NAG G . -35.10 18.42 64.62
O7 NAG G . -31.05 17.96 58.99
C1 NAG G . -35.04 21.66 63.06
C2 NAG G . -35.38 22.96 63.80
C3 NAG G . -36.73 23.51 63.37
C4 NAG G . -36.86 23.54 61.84
C5 NAG G . -36.50 22.17 61.25
C6 NAG G . -36.51 22.15 59.74
C7 NAG G . -34.39 23.07 66.03
C8 NAG G . -34.57 22.78 67.50
N2 NAG G . -35.38 22.68 65.23
O3 NAG G . -36.87 24.83 63.87
O4 NAG G . -38.18 23.90 61.45
O5 NAG G . -35.18 21.81 61.65
O6 NAG G . -36.28 20.83 59.25
O7 NAG G . -33.39 23.66 65.60
C1 FUC G . -36.22 18.48 65.47
C2 FUC G . -37.46 18.09 64.66
C3 FUC G . -37.40 16.62 64.28
C4 FUC G . -37.20 15.73 65.50
C5 FUC G . -35.99 16.21 66.31
C6 FUC G . -35.78 15.51 67.64
O2 FUC G . -37.57 18.91 63.51
O3 FUC G . -38.58 16.26 63.57
O4 FUC G . -38.38 15.71 66.30
O5 FUC G . -36.12 17.62 66.62
#